data_7FJ7
#
_entry.id   7FJ7
#
_cell.length_a   151.865
_cell.length_b   101.510
_cell.length_c   90.794
_cell.angle_alpha   90.000
_cell.angle_beta   125.189
_cell.angle_gamma   90.000
#
_symmetry.space_group_name_H-M   'C 1 2 1'
#
loop_
_entity.id
_entity.type
_entity.pdbx_description
1 polymer 'Probable propionate kinase'
2 water water
#
_entity_poly.entity_id   1
_entity_poly.type   'polypeptide(L)'
_entity_poly.pdbx_seq_one_letter_code
;MTYKIMAINAGSSSLKFQLLNMPQGALLCQGLIERIGLPEARFTLKTSAQKWQETLPIADHHEAVTLLLEALTGRGILSS
LQEIDGVGHRVAHGGERFKDAALVCDDTLREIERLAELAPLHNPVNALGIRLFRQLLPAVPAVAVFDTAFHQTLAPEAWL
YPLPWRYYAELGIRRYGFHGTSHHYVSSALAEKLGVPLSALRVVSCHLGNGCSVCAIKGGQSVNTSMGFTPQSGVMMGTR
SGDIDPSILPWLVEKEGKSAQQLSQLLNNESGLLGVSGVSSDYRDVEQAADAGNERAALALSLFAERIRATIGSYIMQMG
GLDALIFTGGIGENSARARAAICRNLHFLGLALDDEKNQRSATFIQADNALVKVAVINTNEELMIARDVMRLALPQAREL
AVSA
;
_entity_poly.pdbx_strand_id   A,B
#
# COMPACT_ATOMS: atom_id res chain seq x y z
N THR A 2 -43.98 -4.82 15.03
CA THR A 2 -43.09 -3.69 15.26
C THR A 2 -42.31 -3.81 16.57
N TYR A 3 -40.98 -3.70 16.48
CA TYR A 3 -40.08 -3.90 17.62
C TYR A 3 -39.21 -2.66 17.84
N LYS A 4 -38.92 -2.34 19.10
CA LYS A 4 -38.09 -1.18 19.45
C LYS A 4 -36.67 -1.65 19.75
N ILE A 5 -35.73 -1.27 18.87
CA ILE A 5 -34.32 -1.62 19.03
C ILE A 5 -33.51 -0.34 19.17
N MET A 6 -32.56 -0.37 20.08
CA MET A 6 -31.74 0.78 20.40
C MET A 6 -30.31 0.48 19.99
N ALA A 7 -29.71 1.38 19.23
CA ALA A 7 -28.32 1.21 18.81
C ALA A 7 -27.43 2.11 19.67
N ILE A 8 -26.41 1.51 20.26
CA ILE A 8 -25.57 2.21 21.22
C ILE A 8 -24.14 2.23 20.70
N ASN A 9 -23.50 3.38 20.81
CA ASN A 9 -22.10 3.56 20.45
C ASN A 9 -21.44 4.37 21.55
N ALA A 10 -20.61 3.71 22.37
CA ALA A 10 -20.04 4.31 23.57
C ALA A 10 -18.55 4.63 23.35
N GLY A 11 -18.21 5.92 23.43
CA GLY A 11 -16.84 6.37 23.32
C GLY A 11 -16.20 6.68 24.68
N SER A 12 -14.91 7.03 24.64
CA SER A 12 -14.16 7.39 25.84
C SER A 12 -14.88 8.43 26.69
N SER A 13 -15.56 9.38 26.05
CA SER A 13 -16.30 10.41 26.77
C SER A 13 -17.60 10.75 26.05
N SER A 14 -18.24 9.75 25.45
CA SER A 14 -19.41 10.01 24.62
C SER A 14 -20.35 8.81 24.63
N LEU A 15 -21.62 9.09 24.36
CA LEU A 15 -22.65 8.06 24.26
C LEU A 15 -23.55 8.45 23.11
N LYS A 16 -23.43 7.75 21.99
CA LYS A 16 -24.27 7.95 20.82
C LYS A 16 -25.38 6.88 20.84
N PHE A 17 -26.60 7.27 20.47
CA PHE A 17 -27.71 6.33 20.49
C PHE A 17 -28.75 6.70 19.44
N GLN A 18 -29.40 5.65 18.89
CA GLN A 18 -30.60 5.76 18.09
C GLN A 18 -31.63 4.75 18.59
N LEU A 19 -32.90 5.07 18.40
CA LEU A 19 -33.97 4.15 18.74
C LEU A 19 -34.80 3.91 17.49
N LEU A 20 -34.85 2.67 17.05
CA LEU A 20 -35.41 2.35 15.75
C LEU A 20 -36.64 1.46 15.90
N ASN A 21 -37.70 1.79 15.17
CA ASN A 21 -38.80 0.86 14.98
C ASN A 21 -38.44 -0.07 13.82
N MET A 22 -38.37 -1.36 14.12
CA MET A 22 -38.01 -2.50 13.28
C MET A 22 -39.25 -3.27 12.84
N PRO A 23 -39.21 -3.91 11.66
CA PRO A 23 -38.05 -3.88 10.76
C PRO A 23 -38.10 -2.77 9.72
N GLN A 24 -39.03 -1.85 9.86
CA GLN A 24 -39.11 -0.75 8.90
C GLN A 24 -37.88 0.14 8.97
N GLY A 25 -37.16 0.15 10.09
CA GLY A 25 -36.00 1.01 10.20
C GLY A 25 -36.28 2.47 10.44
N ALA A 26 -37.45 2.80 10.98
CA ALA A 26 -37.79 4.19 11.19
C ALA A 26 -37.10 4.73 12.44
N LEU A 27 -36.42 5.86 12.30
CA LEU A 27 -35.83 6.56 13.42
C LEU A 27 -36.93 7.13 14.30
N LEU A 28 -37.01 6.67 15.55
CA LEU A 28 -37.89 7.28 16.54
C LEU A 28 -37.21 8.44 17.25
N CYS A 29 -35.97 8.24 17.68
CA CYS A 29 -35.20 9.34 18.20
C CYS A 29 -33.73 9.00 18.09
N GLN A 30 -32.90 10.03 18.26
CA GLN A 30 -31.45 9.88 18.22
C GLN A 30 -30.85 11.01 19.01
N GLY A 31 -29.57 10.88 19.29
CA GLY A 31 -28.92 11.89 20.09
C GLY A 31 -27.52 11.47 20.51
N LEU A 32 -26.93 12.33 21.34
CA LEU A 32 -25.53 12.21 21.70
C LEU A 32 -25.32 12.84 23.06
N ILE A 33 -24.58 12.15 23.91
CA ILE A 33 -24.07 12.68 25.17
C ILE A 33 -22.56 12.76 25.02
N GLU A 34 -21.97 13.94 25.26
CA GLU A 34 -20.58 14.17 24.93
C GLU A 34 -19.88 14.94 26.05
N ARG A 35 -18.55 14.82 26.05
CA ARG A 35 -17.68 15.34 27.11
C ARG A 35 -18.09 14.82 28.50
N ILE A 36 -18.36 13.52 28.56
CA ILE A 36 -18.70 12.86 29.83
C ILE A 36 -17.54 13.00 30.79
N GLY A 37 -17.86 13.30 32.05
CA GLY A 37 -16.86 13.36 33.10
C GLY A 37 -16.10 14.67 33.14
N LEU A 38 -15.99 15.31 31.99
CA LEU A 38 -15.46 16.65 31.85
C LEU A 38 -16.46 17.66 32.37
N PRO A 39 -16.05 18.94 32.55
CA PRO A 39 -17.00 20.04 32.42
C PRO A 39 -17.44 20.11 30.97
N GLU A 40 -18.22 21.11 30.56
CA GLU A 40 -18.70 21.25 29.18
C GLU A 40 -19.71 20.18 28.77
N ALA A 41 -20.09 19.25 29.66
CA ALA A 41 -20.83 18.06 29.27
C ALA A 41 -22.24 18.41 28.77
N ARG A 42 -22.62 17.81 27.64
CA ARG A 42 -23.81 18.19 26.91
C ARG A 42 -24.58 16.94 26.49
N PHE A 43 -25.91 17.01 26.60
CA PHE A 43 -26.83 15.94 26.22
C PHE A 43 -27.77 16.47 25.14
N THR A 44 -27.67 15.92 23.93
CA THR A 44 -28.48 16.36 22.78
C THR A 44 -29.37 15.22 22.33
N LEU A 45 -30.66 15.48 22.17
CA LEU A 45 -31.65 14.44 21.83
C LEU A 45 -32.62 14.99 20.79
N LYS A 46 -32.90 14.20 19.75
CA LYS A 46 -33.74 14.62 18.64
C LYS A 46 -34.76 13.54 18.31
N THR A 47 -35.99 13.97 17.99
CA THR A 47 -37.10 13.16 17.51
C THR A 47 -37.30 13.46 16.03
N SER A 48 -38.29 12.81 15.43
CA SER A 48 -38.71 13.20 14.10
C SER A 48 -39.21 14.64 14.05
N ALA A 49 -39.54 15.24 15.21
CA ALA A 49 -40.18 16.54 15.28
C ALA A 49 -39.44 17.59 16.11
N GLN A 50 -38.58 17.22 17.06
CA GLN A 50 -38.05 18.22 17.98
C GLN A 50 -36.60 17.92 18.31
N LYS A 51 -35.95 18.91 18.93
CA LYS A 51 -34.59 18.79 19.42
C LYS A 51 -34.50 19.45 20.78
N TRP A 52 -33.79 18.79 21.69
CA TRP A 52 -33.50 19.32 23.01
C TRP A 52 -32.01 19.15 23.28
N GLN A 53 -31.41 20.16 23.89
CA GLN A 53 -29.98 20.20 24.13
C GLN A 53 -29.73 20.92 25.44
N GLU A 54 -28.95 20.29 26.31
CA GLU A 54 -28.71 20.86 27.63
C GLU A 54 -27.30 20.54 28.04
N THR A 55 -26.62 21.54 28.58
CA THR A 55 -25.35 21.35 29.26
C THR A 55 -25.61 21.09 30.73
N LEU A 56 -24.96 20.07 31.26
CA LEU A 56 -25.14 19.68 32.65
C LEU A 56 -24.01 18.72 33.00
N PRO A 57 -23.59 18.65 34.26
CA PRO A 57 -22.51 17.72 34.62
C PRO A 57 -22.96 16.27 34.50
N ILE A 58 -22.09 15.46 33.94
CA ILE A 58 -22.34 14.04 33.78
C ILE A 58 -21.11 13.31 34.31
N ALA A 59 -21.25 12.71 35.50
CA ALA A 59 -20.20 11.97 36.20
C ALA A 59 -19.51 10.97 35.30
N ASP A 60 -20.20 9.90 34.96
CA ASP A 60 -19.60 8.82 34.18
C ASP A 60 -20.65 8.28 33.22
N HIS A 61 -20.30 7.21 32.51
CA HIS A 61 -21.28 6.60 31.60
C HIS A 61 -22.50 6.12 32.34
N HIS A 62 -22.35 5.68 33.59
CA HIS A 62 -23.50 5.27 34.37
C HIS A 62 -24.54 6.38 34.47
N GLU A 63 -24.10 7.63 34.62
CA GLU A 63 -25.01 8.76 34.61
C GLU A 63 -25.45 9.15 33.20
N ALA A 64 -24.63 8.89 32.18
CA ALA A 64 -25.07 9.16 30.80
C ALA A 64 -26.22 8.23 30.40
N VAL A 65 -26.14 6.95 30.78
CA VAL A 65 -27.20 6.00 30.44
C VAL A 65 -28.47 6.30 31.22
N THR A 66 -28.34 6.66 32.50
CA THR A 66 -29.52 7.03 33.28
C THR A 66 -30.28 8.19 32.63
N LEU A 67 -29.56 9.27 32.27
CA LEU A 67 -30.22 10.42 31.67
C LEU A 67 -30.89 10.04 30.35
N LEU A 68 -30.25 9.18 29.57
CA LEU A 68 -30.86 8.72 28.33
C LEU A 68 -32.15 7.95 28.60
N LEU A 69 -32.08 6.93 29.47
CA LEU A 69 -33.28 6.16 29.78
C LEU A 69 -34.39 7.05 30.33
N GLU A 70 -34.05 8.00 31.22
CA GLU A 70 -35.08 8.90 31.75
C GLU A 70 -35.70 9.74 30.63
N ALA A 71 -34.88 10.19 29.70
CA ALA A 71 -35.40 11.07 28.65
C ALA A 71 -36.38 10.34 27.75
N LEU A 72 -36.23 9.02 27.60
CA LEU A 72 -37.09 8.28 26.69
C LEU A 72 -38.55 8.35 27.12
N THR A 73 -38.80 8.20 28.42
CA THR A 73 -40.18 8.34 28.89
C THR A 73 -40.52 9.79 29.20
N GLY A 74 -39.58 10.53 29.79
CA GLY A 74 -39.84 11.92 30.10
C GLY A 74 -40.22 12.75 28.89
N ARG A 75 -39.79 12.34 27.69
CA ARG A 75 -40.16 13.03 26.46
C ARG A 75 -41.27 12.33 25.68
N GLY A 76 -41.88 11.29 26.24
CA GLY A 76 -42.97 10.62 25.56
C GLY A 76 -42.58 9.76 24.39
N ILE A 77 -41.29 9.53 24.17
CA ILE A 77 -40.88 8.74 23.02
C ILE A 77 -41.31 7.29 23.19
N LEU A 78 -41.32 6.80 24.44
CA LEU A 78 -41.86 5.51 24.80
C LEU A 78 -42.80 5.68 25.99
N SER A 79 -43.83 4.84 26.05
CA SER A 79 -44.69 4.80 27.23
C SER A 79 -43.94 4.22 28.42
N SER A 80 -43.04 3.27 28.18
CA SER A 80 -42.27 2.64 29.25
C SER A 80 -40.97 2.08 28.69
N LEU A 81 -39.98 1.93 29.58
CA LEU A 81 -38.74 1.27 29.20
C LEU A 81 -38.95 -0.19 28.81
N GLN A 82 -40.07 -0.80 29.19
CA GLN A 82 -40.34 -2.19 28.82
C GLN A 82 -40.64 -2.36 27.33
N GLU A 83 -40.97 -1.27 26.63
CA GLU A 83 -41.10 -1.33 25.18
C GLU A 83 -39.79 -1.56 24.45
N ILE A 84 -38.65 -1.48 25.13
CA ILE A 84 -37.36 -1.71 24.47
C ILE A 84 -37.17 -3.22 24.35
N ASP A 85 -37.18 -3.72 23.12
CA ASP A 85 -37.05 -5.15 22.84
C ASP A 85 -35.61 -5.64 22.71
N GLY A 86 -34.66 -4.77 22.40
CA GLY A 86 -33.28 -5.19 22.32
C GLY A 86 -32.37 -4.00 22.15
N VAL A 87 -31.10 -4.21 22.49
CA VAL A 87 -30.06 -3.20 22.38
C VAL A 87 -28.88 -3.78 21.60
N GLY A 88 -28.37 -3.00 20.65
CA GLY A 88 -27.18 -3.37 19.90
C GLY A 88 -26.03 -2.43 20.21
N HIS A 89 -24.88 -3.02 20.54
CA HIS A 89 -23.68 -2.28 20.94
C HIS A 89 -22.60 -2.39 19.87
N ARG A 90 -22.09 -1.24 19.41
CA ARG A 90 -20.89 -1.22 18.58
C ARG A 90 -19.66 -1.60 19.38
N VAL A 91 -18.84 -2.51 18.84
CA VAL A 91 -17.56 -2.89 19.43
C VAL A 91 -16.47 -2.68 18.40
N ALA A 92 -15.40 -1.98 18.80
CA ALA A 92 -14.32 -1.67 17.87
C ALA A 92 -13.69 -2.93 17.28
N HIS A 93 -13.31 -3.88 18.13
CA HIS A 93 -12.35 -4.90 17.70
C HIS A 93 -12.78 -6.27 18.19
N GLY A 94 -13.07 -7.18 17.26
CA GLY A 94 -13.51 -8.51 17.63
C GLY A 94 -12.43 -9.56 17.46
N GLY A 95 -11.27 -9.14 16.94
CA GLY A 95 -10.16 -10.05 16.73
C GLY A 95 -10.53 -11.16 15.77
N GLU A 96 -9.91 -12.32 15.97
CA GLU A 96 -10.27 -13.54 15.25
C GLU A 96 -11.39 -14.31 15.93
N ARG A 97 -11.76 -13.95 17.15
CA ARG A 97 -12.77 -14.73 17.85
C ARG A 97 -14.16 -14.52 17.26
N PHE A 98 -14.48 -13.32 16.80
CA PHE A 98 -15.86 -13.01 16.45
C PHE A 98 -16.00 -12.87 14.93
N LYS A 99 -16.59 -13.89 14.31
CA LYS A 99 -16.92 -13.89 12.89
C LYS A 99 -18.26 -13.26 12.62
N ASP A 100 -18.96 -12.85 13.67
CA ASP A 100 -20.32 -12.37 13.55
C ASP A 100 -20.63 -11.54 14.79
N ALA A 101 -21.74 -10.82 14.73
CA ALA A 101 -22.31 -10.27 15.94
C ALA A 101 -22.64 -11.41 16.90
N ALA A 102 -22.73 -11.09 18.19
CA ALA A 102 -22.98 -12.12 19.17
C ALA A 102 -23.94 -11.62 20.24
N LEU A 103 -24.84 -12.51 20.66
CA LEU A 103 -25.65 -12.30 21.85
C LEU A 103 -24.76 -11.99 23.05
N VAL A 104 -25.05 -10.88 23.72
CA VAL A 104 -24.29 -10.50 24.90
C VAL A 104 -24.61 -11.47 26.03
N CYS A 105 -23.60 -12.20 26.49
CA CYS A 105 -23.68 -12.93 27.74
C CYS A 105 -22.37 -12.72 28.50
N ASP A 106 -22.25 -13.38 29.65
CA ASP A 106 -21.12 -13.09 30.53
C ASP A 106 -19.78 -13.39 29.86
N ASP A 107 -19.72 -14.45 29.06
CA ASP A 107 -18.44 -14.76 28.43
C ASP A 107 -18.20 -13.94 27.17
N THR A 108 -19.26 -13.62 26.42
CA THR A 108 -19.08 -12.64 25.35
C THR A 108 -18.46 -11.36 25.89
N LEU A 109 -18.86 -10.96 27.10
CA LEU A 109 -18.22 -9.81 27.74
C LEU A 109 -16.78 -10.12 28.10
N ARG A 110 -16.56 -11.25 28.79
CA ARG A 110 -15.22 -11.71 29.12
C ARG A 110 -14.28 -11.61 27.92
N GLU A 111 -14.73 -12.03 26.74
CA GLU A 111 -13.87 -12.05 25.56
C GLU A 111 -13.62 -10.64 25.03
N ILE A 112 -14.68 -9.83 24.93
CA ILE A 112 -14.53 -8.45 24.47
C ILE A 112 -13.53 -7.71 25.35
N GLU A 113 -13.50 -8.01 26.65
CA GLU A 113 -12.54 -7.36 27.53
C GLU A 113 -11.13 -7.90 27.28
N ARG A 114 -11.01 -9.21 27.03
CA ARG A 114 -9.72 -9.79 26.70
C ARG A 114 -9.13 -9.14 25.44
N LEU A 115 -9.97 -8.64 24.57
CA LEU A 115 -9.51 -8.04 23.32
C LEU A 115 -9.14 -6.57 23.48
N ALA A 116 -9.21 -6.04 24.70
CA ALA A 116 -8.81 -4.65 24.94
C ALA A 116 -7.37 -4.41 24.51
N GLU A 117 -6.47 -5.39 24.70
CA GLU A 117 -5.07 -5.23 24.32
C GLU A 117 -4.90 -4.86 22.86
N LEU A 118 -5.91 -5.13 22.03
CA LEU A 118 -5.87 -4.80 20.61
C LEU A 118 -6.58 -3.51 20.26
N ALA A 119 -7.68 -3.17 20.95
CA ALA A 119 -8.33 -1.86 20.85
C ALA A 119 -8.36 -1.28 22.25
N PRO A 120 -7.27 -0.70 22.71
CA PRO A 120 -7.21 -0.26 24.11
C PRO A 120 -8.00 0.99 24.36
N LEU A 121 -8.33 1.78 23.34
CA LEU A 121 -9.02 3.03 23.57
C LEU A 121 -10.51 2.97 23.23
N HIS A 122 -11.01 1.78 22.88
CA HIS A 122 -12.42 1.64 22.52
C HIS A 122 -13.06 0.43 23.18
N ASN A 123 -12.48 -0.76 22.99
CA ASN A 123 -13.13 -1.97 23.45
C ASN A 123 -13.56 -1.95 24.92
N PRO A 124 -12.80 -1.39 25.87
CA PRO A 124 -13.30 -1.42 27.28
C PRO A 124 -14.54 -0.57 27.51
N VAL A 125 -14.56 0.67 27.00
CA VAL A 125 -15.76 1.50 27.15
C VAL A 125 -16.94 0.85 26.42
N ASN A 126 -16.69 0.29 25.23
CA ASN A 126 -17.71 -0.51 24.54
C ASN A 126 -18.31 -1.55 25.47
N ALA A 127 -17.46 -2.29 26.18
CA ALA A 127 -17.95 -3.32 27.09
C ALA A 127 -18.57 -2.72 28.34
N LEU A 128 -18.14 -1.51 28.71
CA LEU A 128 -18.78 -0.84 29.85
C LEU A 128 -20.22 -0.52 29.51
N GLY A 129 -20.47 -0.04 28.29
CA GLY A 129 -21.83 0.23 27.88
C GLY A 129 -22.68 -1.02 27.89
N ILE A 130 -22.13 -2.12 27.37
CA ILE A 130 -22.77 -3.43 27.46
C ILE A 130 -23.08 -3.77 28.93
N ARG A 131 -22.15 -3.47 29.84
CA ARG A 131 -22.38 -3.79 31.26
C ARG A 131 -23.46 -2.88 31.86
N LEU A 132 -23.35 -1.57 31.65
CA LEU A 132 -24.34 -0.64 32.24
C LEU A 132 -25.74 -0.95 31.75
N PHE A 133 -25.90 -1.17 30.44
CA PHE A 133 -27.24 -1.45 29.96
C PHE A 133 -27.73 -2.79 30.49
N ARG A 134 -26.83 -3.76 30.69
CA ARG A 134 -27.24 -5.03 31.30
C ARG A 134 -27.59 -4.85 32.77
N GLN A 135 -26.91 -3.94 33.45
CA GLN A 135 -27.36 -3.53 34.78
C GLN A 135 -28.66 -2.74 34.69
N LEU A 136 -28.65 -1.60 33.99
CA LEU A 136 -29.77 -0.67 34.01
C LEU A 136 -31.00 -1.20 33.28
N LEU A 137 -30.83 -2.06 32.27
CA LEU A 137 -31.95 -2.61 31.51
C LEU A 137 -31.86 -4.12 31.51
N PRO A 138 -31.89 -4.76 32.70
CA PRO A 138 -31.48 -6.16 32.78
C PRO A 138 -32.40 -7.11 32.03
N ALA A 139 -33.65 -6.76 31.78
CA ALA A 139 -34.56 -7.64 31.05
C ALA A 139 -34.45 -7.55 29.53
N VAL A 140 -33.60 -6.68 29.00
CA VAL A 140 -33.53 -6.45 27.56
C VAL A 140 -32.35 -7.22 27.00
N PRO A 141 -32.54 -8.05 25.99
CA PRO A 141 -31.40 -8.75 25.39
C PRO A 141 -30.54 -7.80 24.57
N ALA A 142 -29.23 -8.06 24.60
CA ALA A 142 -28.26 -7.21 23.92
C ALA A 142 -27.42 -8.04 22.95
N VAL A 143 -26.93 -7.37 21.89
CA VAL A 143 -26.05 -7.95 20.88
C VAL A 143 -24.86 -7.02 20.70
N ALA A 144 -23.65 -7.59 20.69
CA ALA A 144 -22.45 -6.83 20.35
C ALA A 144 -22.17 -6.96 18.86
N VAL A 145 -21.88 -5.83 18.20
CA VAL A 145 -21.66 -5.80 16.75
C VAL A 145 -20.25 -5.28 16.49
N PHE A 146 -19.38 -6.14 16.00
CA PHE A 146 -17.95 -5.83 15.92
C PHE A 146 -17.57 -5.21 14.59
N ASP A 147 -16.79 -4.15 14.66
CA ASP A 147 -16.37 -3.44 13.45
C ASP A 147 -15.40 -4.27 12.61
N THR A 148 -14.88 -5.38 13.13
CA THR A 148 -13.98 -6.22 12.39
C THR A 148 -14.66 -7.45 11.80
N ALA A 149 -15.84 -7.79 12.30
CA ALA A 149 -16.38 -9.13 12.05
C ALA A 149 -16.50 -9.40 10.57
N PHE A 150 -16.94 -8.40 9.81
CA PHE A 150 -17.26 -8.61 8.39
C PHE A 150 -16.00 -8.94 7.59
N HIS A 151 -14.83 -8.50 8.05
CA HIS A 151 -13.59 -8.76 7.33
C HIS A 151 -12.96 -10.11 7.69
N GLN A 152 -13.60 -10.90 8.54
CA GLN A 152 -12.99 -12.13 9.00
C GLN A 152 -12.98 -13.24 7.95
N THR A 153 -13.71 -13.06 6.84
CA THR A 153 -13.61 -13.94 5.68
C THR A 153 -12.37 -13.67 4.83
N LEU A 154 -11.51 -12.72 5.20
CA LEU A 154 -10.28 -12.53 4.45
C LEU A 154 -9.42 -13.80 4.50
N ALA A 155 -8.89 -14.19 3.35
CA ALA A 155 -7.98 -15.32 3.26
C ALA A 155 -6.59 -14.94 3.78
N PRO A 156 -5.77 -15.93 4.16
CA PRO A 156 -4.48 -15.60 4.80
C PRO A 156 -3.54 -14.78 3.93
N GLU A 157 -3.47 -15.09 2.64
CA GLU A 157 -2.66 -14.29 1.72
C GLU A 157 -3.13 -12.83 1.62
N ALA A 158 -4.29 -12.48 2.18
CA ALA A 158 -4.70 -11.07 2.25
C ALA A 158 -4.54 -10.44 3.64
N TRP A 159 -4.53 -11.20 4.74
CA TRP A 159 -4.40 -10.58 6.06
C TRP A 159 -3.02 -10.72 6.68
N LEU A 160 -2.17 -11.60 6.15
CA LEU A 160 -0.83 -11.82 6.71
C LEU A 160 0.16 -10.81 6.14
N TYR A 161 0.80 -10.04 7.02
CA TYR A 161 1.88 -9.16 6.56
C TYR A 161 3.16 -9.97 6.36
N PRO A 162 3.99 -9.63 5.33
CA PRO A 162 5.23 -10.38 5.08
C PRO A 162 6.31 -10.08 6.11
N LEU A 163 5.91 -10.18 7.37
CA LEU A 163 6.79 -10.08 8.52
C LEU A 163 7.23 -11.47 8.92
N PRO A 164 8.17 -11.60 9.86
CA PRO A 164 8.50 -12.94 10.36
C PRO A 164 7.26 -13.56 10.99
N TRP A 165 7.09 -14.87 10.74
CA TRP A 165 5.88 -15.56 11.17
C TRP A 165 5.59 -15.37 12.64
N ARG A 166 6.65 -15.30 13.47
CA ARG A 166 6.53 -15.04 14.89
C ARG A 166 5.57 -13.88 15.19
N TYR A 167 5.50 -12.86 14.32
CA TYR A 167 4.75 -11.66 14.66
C TYR A 167 3.25 -11.86 14.49
N TYR A 168 2.85 -12.80 13.65
CA TYR A 168 1.45 -13.20 13.66
C TYR A 168 1.20 -14.24 14.75
N ALA A 169 1.97 -15.34 14.72
CA ALA A 169 1.66 -16.49 15.56
C ALA A 169 1.74 -16.18 17.05
N GLU A 170 2.65 -15.28 17.44
CA GLU A 170 2.79 -14.92 18.85
C GLU A 170 2.15 -13.57 19.18
N LEU A 171 2.44 -12.53 18.41
CA LEU A 171 1.99 -11.20 18.77
C LEU A 171 0.61 -10.86 18.21
N GLY A 172 0.05 -11.67 17.33
CA GLY A 172 -1.27 -11.40 16.80
C GLY A 172 -1.34 -10.33 15.73
N ILE A 173 -0.19 -9.84 15.23
CA ILE A 173 -0.19 -8.78 14.21
C ILE A 173 -0.69 -9.35 12.89
N ARG A 174 -1.68 -8.68 12.30
CA ARG A 174 -2.28 -9.10 11.04
C ARG A 174 -3.27 -8.02 10.66
N ARG A 175 -3.66 -8.02 9.39
CA ARG A 175 -4.74 -7.16 8.96
C ARG A 175 -6.05 -7.64 9.59
N TYR A 176 -6.74 -6.74 10.27
CA TYR A 176 -8.12 -7.02 10.66
C TYR A 176 -9.11 -6.23 9.83
N GLY A 177 -8.84 -4.96 9.56
CA GLY A 177 -9.79 -4.15 8.83
C GLY A 177 -10.94 -3.70 9.70
N PHE A 178 -11.52 -2.55 9.35
CA PHE A 178 -12.57 -1.93 10.15
C PHE A 178 -13.65 -1.45 9.20
N HIS A 179 -14.55 -0.60 9.69
CA HIS A 179 -15.71 -0.15 8.93
C HIS A 179 -16.56 -1.33 8.45
N GLY A 180 -16.43 -2.48 9.13
CA GLY A 180 -17.11 -3.69 8.68
C GLY A 180 -18.61 -3.49 8.59
N THR A 181 -19.20 -2.90 9.62
CA THR A 181 -20.65 -2.72 9.62
C THR A 181 -21.08 -1.84 8.44
N SER A 182 -20.33 -0.78 8.17
CA SER A 182 -20.69 0.09 7.06
C SER A 182 -20.54 -0.64 5.72
N HIS A 183 -19.39 -1.29 5.48
CA HIS A 183 -19.22 -1.99 4.21
C HIS A 183 -20.28 -3.08 4.05
N HIS A 184 -20.48 -3.89 5.10
CA HIS A 184 -21.56 -4.87 5.12
C HIS A 184 -22.91 -4.22 4.80
N TYR A 185 -23.25 -3.10 5.46
CA TYR A 185 -24.56 -2.48 5.21
C TYR A 185 -24.70 -2.01 3.76
N VAL A 186 -23.74 -1.24 3.25
CA VAL A 186 -23.94 -0.73 1.89
C VAL A 186 -23.74 -1.81 0.82
N SER A 187 -23.03 -2.90 1.12
CA SER A 187 -23.00 -4.05 0.20
C SER A 187 -24.41 -4.57 -0.03
N SER A 188 -25.07 -4.92 1.09
CA SER A 188 -26.38 -5.55 1.00
C SER A 188 -27.41 -4.60 0.41
N ALA A 189 -27.28 -3.31 0.74
CA ALA A 189 -28.22 -2.33 0.20
C ALA A 189 -28.06 -2.21 -1.31
N LEU A 190 -26.82 -2.25 -1.81
CA LEU A 190 -26.61 -2.27 -3.26
C LEU A 190 -27.35 -3.44 -3.91
N ALA A 191 -27.17 -4.65 -3.37
CA ALA A 191 -27.79 -5.81 -4.00
C ALA A 191 -29.31 -5.74 -3.94
N GLU A 192 -29.87 -5.29 -2.81
CA GLU A 192 -31.31 -5.13 -2.75
C GLU A 192 -31.80 -4.12 -3.79
N LYS A 193 -31.10 -2.98 -3.91
CA LYS A 193 -31.49 -1.98 -4.91
C LYS A 193 -31.32 -2.49 -6.34
N LEU A 194 -30.40 -3.41 -6.58
CA LEU A 194 -30.27 -4.00 -7.91
C LEU A 194 -31.13 -5.24 -8.09
N GLY A 195 -31.74 -5.75 -7.01
CA GLY A 195 -32.55 -6.96 -7.13
C GLY A 195 -31.74 -8.18 -7.57
N VAL A 196 -30.55 -8.34 -7.01
CA VAL A 196 -29.60 -9.39 -7.37
C VAL A 196 -28.95 -9.88 -6.09
N PRO A 197 -28.68 -11.17 -5.93
CA PRO A 197 -27.91 -11.62 -4.77
C PRO A 197 -26.51 -11.03 -4.81
N LEU A 198 -26.06 -10.51 -3.65
CA LEU A 198 -24.70 -9.99 -3.56
C LEU A 198 -23.67 -11.03 -3.99
N SER A 199 -23.97 -12.31 -3.81
CA SER A 199 -23.02 -13.34 -4.24
C SER A 199 -22.83 -13.35 -5.74
N ALA A 200 -23.67 -12.66 -6.49
CA ALA A 200 -23.53 -12.59 -7.94
C ALA A 200 -22.68 -11.41 -8.42
N LEU A 201 -22.20 -10.57 -7.50
CA LEU A 201 -21.54 -9.32 -7.84
C LEU A 201 -20.11 -9.28 -7.32
N ARG A 202 -19.21 -8.68 -8.10
CA ARG A 202 -17.89 -8.29 -7.63
C ARG A 202 -17.97 -6.81 -7.32
N VAL A 203 -17.83 -6.46 -6.04
CA VAL A 203 -18.12 -5.13 -5.55
C VAL A 203 -16.89 -4.56 -4.87
N VAL A 204 -16.61 -3.29 -5.13
CA VAL A 204 -15.68 -2.50 -4.33
C VAL A 204 -16.47 -1.42 -3.62
N SER A 205 -16.28 -1.30 -2.31
CA SER A 205 -17.01 -0.34 -1.50
C SER A 205 -16.02 0.65 -0.91
N CYS A 206 -16.32 1.94 -1.07
CA CYS A 206 -15.47 3.02 -0.57
C CYS A 206 -16.22 3.77 0.51
N HIS A 207 -15.76 3.64 1.74
CA HIS A 207 -16.29 4.45 2.84
C HIS A 207 -15.35 5.64 3.03
N LEU A 208 -15.79 6.80 2.59
CA LEU A 208 -14.99 8.01 2.62
C LEU A 208 -15.67 8.96 3.59
N GLY A 209 -15.14 9.01 4.80
CA GLY A 209 -15.56 9.94 5.83
C GLY A 209 -14.36 10.69 6.36
N ASN A 210 -14.43 11.08 7.63
CA ASN A 210 -13.18 11.55 8.22
C ASN A 210 -12.19 10.39 8.33
N GLY A 211 -12.71 9.19 8.60
CA GLY A 211 -11.97 7.95 8.38
C GLY A 211 -12.35 7.41 7.02
N CYS A 212 -11.37 6.84 6.32
CA CYS A 212 -11.61 6.29 4.99
C CYS A 212 -11.10 4.88 4.90
N SER A 213 -11.89 4.02 4.27
CA SER A 213 -11.42 2.67 4.00
C SER A 213 -12.11 2.18 2.74
N VAL A 214 -11.44 1.25 2.06
CA VAL A 214 -11.98 0.57 0.89
C VAL A 214 -12.12 -0.91 1.21
N CYS A 215 -13.12 -1.56 0.62
CA CYS A 215 -13.39 -2.96 0.87
C CYS A 215 -13.73 -3.64 -0.44
N ALA A 216 -13.24 -4.88 -0.63
CA ALA A 216 -13.56 -5.72 -1.78
C ALA A 216 -14.50 -6.82 -1.34
N ILE A 217 -15.64 -6.95 -2.02
CA ILE A 217 -16.67 -7.91 -1.66
C ILE A 217 -16.99 -8.74 -2.88
N LYS A 218 -16.68 -10.03 -2.82
CA LYS A 218 -16.91 -10.97 -3.88
C LYS A 218 -17.59 -12.20 -3.29
N GLY A 219 -18.61 -12.70 -3.99
CA GLY A 219 -19.39 -13.81 -3.47
C GLY A 219 -20.14 -13.50 -2.18
N GLY A 220 -20.49 -12.24 -1.95
CA GLY A 220 -21.16 -11.85 -0.72
C GLY A 220 -20.25 -11.76 0.48
N GLN A 221 -18.97 -12.09 0.34
CA GLN A 221 -18.01 -11.99 1.42
C GLN A 221 -16.94 -10.94 1.13
N SER A 222 -16.38 -10.42 2.21
CA SER A 222 -15.29 -9.45 2.17
C SER A 222 -13.96 -10.18 1.92
N VAL A 223 -13.26 -9.81 0.85
CA VAL A 223 -12.02 -10.48 0.48
C VAL A 223 -10.78 -9.60 0.62
N ASN A 224 -10.93 -8.29 0.84
CA ASN A 224 -9.82 -7.43 1.24
C ASN A 224 -10.37 -6.10 1.72
N THR A 225 -9.54 -5.37 2.48
CA THR A 225 -9.93 -4.03 2.91
C THR A 225 -8.68 -3.26 3.33
N SER A 226 -8.78 -1.93 3.25
CA SER A 226 -7.56 -1.11 3.28
C SER A 226 -7.00 -0.90 4.69
N MET A 227 -7.83 -0.92 5.73
CA MET A 227 -7.29 -0.77 7.07
C MET A 227 -6.68 -2.08 7.53
N GLY A 228 -5.69 -1.99 8.39
CA GLY A 228 -4.93 -3.18 8.70
C GLY A 228 -5.06 -3.65 10.13
N PHE A 229 -3.91 -3.78 10.78
CA PHE A 229 -3.82 -4.07 12.21
C PHE A 229 -4.52 -3.01 13.05
N THR A 230 -4.67 -1.81 12.49
CA THR A 230 -5.15 -0.61 13.17
C THR A 230 -5.91 0.20 12.14
N PRO A 231 -6.87 1.04 12.57
CA PRO A 231 -7.58 1.90 11.62
C PRO A 231 -6.74 3.06 11.09
N GLN A 232 -5.45 3.08 11.42
CA GLN A 232 -4.52 4.10 10.91
C GLN A 232 -4.25 3.91 9.42
N SER A 233 -4.21 2.66 8.95
CA SER A 233 -3.58 2.29 7.69
C SER A 233 -4.56 2.35 6.52
N GLY A 234 -4.00 2.22 5.31
CA GLY A 234 -4.80 2.16 4.10
C GLY A 234 -4.62 3.42 3.28
N VAL A 235 -5.73 4.04 2.91
CA VAL A 235 -5.71 5.25 2.11
C VAL A 235 -5.59 6.49 2.98
N MET A 236 -5.46 7.66 2.36
CA MET A 236 -5.28 8.91 3.09
C MET A 236 -6.63 9.43 3.60
N MET A 237 -6.63 10.01 4.79
CA MET A 237 -7.88 10.38 5.47
C MET A 237 -7.80 11.82 6.00
N GLY A 238 -8.67 12.13 6.97
CA GLY A 238 -8.70 13.47 7.52
C GLY A 238 -7.38 13.86 8.15
N THR A 239 -6.96 13.10 9.15
CA THR A 239 -5.70 13.36 9.83
C THR A 239 -4.76 12.16 9.80
N ARG A 240 -5.21 11.03 9.26
CA ARG A 240 -4.40 9.83 9.18
C ARG A 240 -3.68 9.74 7.83
N SER A 241 -2.40 9.37 7.89
CA SER A 241 -1.60 9.27 6.67
C SER A 241 -2.01 8.11 5.80
N GLY A 242 -2.60 7.05 6.36
CA GLY A 242 -2.70 5.82 5.61
C GLY A 242 -1.32 5.23 5.43
N ASP A 243 -1.26 4.23 4.55
CA ASP A 243 -0.01 3.54 4.26
C ASP A 243 1.10 4.50 3.80
N ILE A 244 2.27 4.38 4.43
CA ILE A 244 3.48 5.07 3.96
C ILE A 244 4.62 4.07 4.00
N ASP A 245 5.69 4.39 3.25
CA ASP A 245 6.94 3.62 3.28
C ASP A 245 7.28 3.34 4.73
N PRO A 246 7.22 2.07 5.17
CA PRO A 246 7.46 1.78 6.59
C PRO A 246 8.85 2.17 7.04
N SER A 247 9.83 2.13 6.15
CA SER A 247 11.18 2.50 6.52
C SER A 247 11.31 3.97 6.86
N ILE A 248 10.28 4.79 6.60
CA ILE A 248 10.34 6.17 7.06
C ILE A 248 10.43 6.22 8.58
N LEU A 249 9.79 5.28 9.28
CA LEU A 249 9.59 5.41 10.72
C LEU A 249 10.87 5.20 11.53
N PRO A 250 11.69 4.17 11.26
CA PRO A 250 12.97 4.11 11.96
C PRO A 250 13.82 5.34 11.69
N TRP A 251 13.74 5.87 10.46
CA TRP A 251 14.56 7.01 10.08
C TRP A 251 14.20 8.26 10.87
N LEU A 252 12.93 8.44 11.20
CA LEU A 252 12.53 9.58 12.00
C LEU A 252 12.92 9.41 13.46
N VAL A 253 12.93 8.16 13.95
CA VAL A 253 13.45 7.86 15.27
C VAL A 253 14.93 8.24 15.35
N GLU A 254 15.72 7.78 14.39
CA GLU A 254 17.14 8.11 14.39
C GLU A 254 17.34 9.61 14.15
N LYS A 255 16.78 10.13 13.06
CA LYS A 255 17.10 11.50 12.66
C LYS A 255 16.41 12.54 13.53
N GLU A 256 15.20 12.27 14.01
CA GLU A 256 14.49 13.26 14.80
C GLU A 256 14.18 12.82 16.23
N GLY A 257 14.66 11.64 16.65
CA GLY A 257 14.41 11.19 18.01
C GLY A 257 12.95 11.18 18.37
N LYS A 258 12.15 10.44 17.63
CA LYS A 258 10.71 10.35 17.87
C LYS A 258 10.40 9.17 18.79
N SER A 259 9.57 9.41 19.80
CA SER A 259 9.10 8.34 20.66
C SER A 259 8.04 7.50 19.93
N ALA A 260 7.72 6.35 20.52
CA ALA A 260 6.67 5.51 19.93
C ALA A 260 5.38 6.28 19.76
N GLN A 261 5.04 7.11 20.73
CA GLN A 261 3.75 7.78 20.64
C GLN A 261 3.82 9.02 19.76
N GLN A 262 4.97 9.70 19.71
CA GLN A 262 5.13 10.74 18.69
C GLN A 262 4.88 10.17 17.30
N LEU A 263 5.47 9.01 17.01
CA LEU A 263 5.25 8.37 15.71
C LEU A 263 3.77 8.15 15.44
N SER A 264 3.02 7.82 16.50
CA SER A 264 1.63 7.45 16.32
C SER A 264 0.75 8.68 16.23
N GLN A 265 1.05 9.71 17.04
CA GLN A 265 0.42 11.02 16.84
C GLN A 265 0.68 11.55 15.44
N LEU A 266 1.90 11.34 14.94
CA LEU A 266 2.21 11.70 13.55
C LEU A 266 1.29 10.97 12.58
N LEU A 267 1.22 9.64 12.68
CA LEU A 267 0.48 8.86 11.69
C LEU A 267 -1.03 9.07 11.78
N ASN A 268 -1.55 9.44 12.96
CA ASN A 268 -2.99 9.45 13.18
C ASN A 268 -3.61 10.84 13.30
N ASN A 269 -2.84 11.84 13.67
CA ASN A 269 -3.38 13.16 13.98
C ASN A 269 -2.80 14.29 13.15
N GLU A 270 -1.59 14.16 12.61
CA GLU A 270 -0.93 15.29 11.98
C GLU A 270 -0.90 15.20 10.47
N SER A 271 -1.41 14.12 9.89
CA SER A 271 -1.19 13.80 8.49
C SER A 271 -2.51 13.91 7.70
N GLY A 272 -2.57 13.20 6.58
CA GLY A 272 -3.78 13.19 5.80
C GLY A 272 -4.04 14.54 5.16
N LEU A 273 -5.33 14.83 4.92
CA LEU A 273 -5.72 16.12 4.36
C LEU A 273 -5.10 17.25 5.15
N LEU A 274 -5.17 17.16 6.47
CA LEU A 274 -4.62 18.21 7.33
C LEU A 274 -3.14 18.41 7.08
N GLY A 275 -2.34 17.34 7.18
CA GLY A 275 -0.90 17.48 7.04
C GLY A 275 -0.44 17.91 5.66
N VAL A 276 -1.17 17.52 4.62
CA VAL A 276 -0.79 17.91 3.26
C VAL A 276 -1.31 19.31 2.93
N SER A 277 -2.60 19.56 3.18
CA SER A 277 -3.16 20.86 2.81
C SER A 277 -2.58 21.98 3.65
N GLY A 278 -2.23 21.70 4.91
CA GLY A 278 -1.90 22.75 5.85
C GLY A 278 -3.07 23.59 6.27
N VAL A 279 -4.29 23.20 5.86
CA VAL A 279 -5.50 24.00 6.01
C VAL A 279 -6.45 23.37 7.00
N SER A 280 -6.78 22.10 6.81
CA SER A 280 -7.91 21.52 7.52
C SER A 280 -7.89 20.01 7.34
N SER A 281 -8.60 19.34 8.23
CA SER A 281 -8.90 17.94 8.08
C SER A 281 -10.22 17.70 7.36
N ASP A 282 -11.06 18.73 7.25
CA ASP A 282 -12.38 18.62 6.67
C ASP A 282 -12.34 18.80 5.16
N TYR A 283 -12.98 17.86 4.44
CA TYR A 283 -12.91 17.87 2.97
C TYR A 283 -13.44 19.17 2.39
N ARG A 284 -14.62 19.62 2.85
CA ARG A 284 -15.18 20.87 2.35
C ARG A 284 -14.20 22.02 2.51
N ASP A 285 -13.50 22.07 3.66
CA ASP A 285 -12.61 23.20 3.92
C ASP A 285 -11.42 23.18 2.99
N VAL A 286 -10.83 22.00 2.77
CA VAL A 286 -9.71 21.89 1.85
C VAL A 286 -10.14 22.26 0.44
N GLU A 287 -11.32 21.80 0.03
CA GLU A 287 -11.85 22.17 -1.27
C GLU A 287 -12.04 23.68 -1.39
N GLN A 288 -12.57 24.31 -0.33
CA GLN A 288 -12.70 25.77 -0.35
C GLN A 288 -11.35 26.45 -0.45
N ALA A 289 -10.35 25.97 0.29
CA ALA A 289 -9.02 26.56 0.18
C ALA A 289 -8.46 26.35 -1.22
N ALA A 290 -8.58 25.13 -1.74
CA ALA A 290 -8.00 24.81 -3.03
C ALA A 290 -8.63 25.63 -4.14
N ASP A 291 -9.97 25.73 -4.15
CA ASP A 291 -10.65 26.48 -5.19
C ASP A 291 -10.23 27.95 -5.19
N ALA A 292 -9.81 28.48 -4.04
CA ALA A 292 -9.37 29.87 -3.98
C ALA A 292 -7.94 30.05 -4.45
N GLY A 293 -7.18 28.97 -4.62
CA GLY A 293 -5.84 29.11 -5.12
C GLY A 293 -4.77 28.44 -4.26
N ASN A 294 -5.17 27.76 -3.19
CA ASN A 294 -4.20 27.04 -2.38
C ASN A 294 -3.75 25.78 -3.10
N GLU A 295 -2.50 25.78 -3.56
CA GLU A 295 -1.97 24.67 -4.31
C GLU A 295 -1.74 23.44 -3.43
N ARG A 296 -1.43 23.65 -2.15
CA ARG A 296 -1.26 22.50 -1.27
C ARG A 296 -2.61 21.87 -0.93
N ALA A 297 -3.67 22.68 -0.84
CA ALA A 297 -5.01 22.13 -0.68
C ALA A 297 -5.43 21.37 -1.95
N ALA A 298 -5.08 21.89 -3.13
CA ALA A 298 -5.42 21.21 -4.37
C ALA A 298 -4.73 19.86 -4.46
N LEU A 299 -3.44 19.82 -4.16
CA LEU A 299 -2.70 18.57 -4.22
C LEU A 299 -3.24 17.59 -3.19
N ALA A 300 -3.58 18.09 -2.00
CA ALA A 300 -4.25 17.29 -1.00
C ALA A 300 -5.45 16.54 -1.57
N LEU A 301 -6.39 17.28 -2.18
CA LEU A 301 -7.56 16.62 -2.77
C LEU A 301 -7.16 15.64 -3.86
N SER A 302 -6.04 15.89 -4.54
CA SER A 302 -5.66 15.08 -5.70
C SER A 302 -4.97 13.80 -5.25
N LEU A 303 -4.05 13.96 -4.31
CA LEU A 303 -3.47 12.82 -3.62
C LEU A 303 -4.53 11.94 -2.98
N PHE A 304 -5.54 12.55 -2.37
CA PHE A 304 -6.60 11.78 -1.72
C PHE A 304 -7.29 10.87 -2.73
N ALA A 305 -7.70 11.43 -3.87
CA ALA A 305 -8.33 10.60 -4.89
C ALA A 305 -7.38 9.51 -5.40
N GLU A 306 -6.08 9.82 -5.51
CA GLU A 306 -5.13 8.85 -6.08
C GLU A 306 -4.97 7.63 -5.18
N ARG A 307 -4.83 7.85 -3.85
CA ARG A 307 -4.68 6.74 -2.93
C ARG A 307 -5.87 5.80 -3.02
N ILE A 308 -7.10 6.35 -3.06
CA ILE A 308 -8.29 5.51 -3.22
C ILE A 308 -8.27 4.79 -4.57
N ARG A 309 -7.95 5.52 -5.64
CA ARG A 309 -7.83 4.87 -6.94
C ARG A 309 -6.83 3.72 -6.91
N ALA A 310 -5.73 3.86 -6.19
CA ALA A 310 -4.74 2.80 -6.16
C ALA A 310 -5.28 1.56 -5.44
N THR A 311 -5.96 1.78 -4.32
CA THR A 311 -6.55 0.66 -3.61
C THR A 311 -7.64 -0.02 -4.43
N ILE A 312 -8.54 0.75 -5.04
CA ILE A 312 -9.56 0.16 -5.90
C ILE A 312 -8.91 -0.74 -6.93
N GLY A 313 -7.85 -0.22 -7.57
CA GLY A 313 -7.17 -0.98 -8.59
C GLY A 313 -6.67 -2.31 -8.07
N SER A 314 -6.08 -2.32 -6.87
CA SER A 314 -5.61 -3.59 -6.32
C SER A 314 -6.75 -4.60 -6.18
N TYR A 315 -7.93 -4.14 -5.79
CA TYR A 315 -8.99 -5.08 -5.45
C TYR A 315 -9.71 -5.58 -6.69
N ILE A 316 -9.86 -4.73 -7.70
CA ILE A 316 -10.38 -5.18 -9.00
C ILE A 316 -9.49 -6.28 -9.54
N MET A 317 -8.18 -6.05 -9.47
CA MET A 317 -7.21 -7.06 -9.87
C MET A 317 -7.40 -8.35 -9.08
N GLN A 318 -7.58 -8.22 -7.77
CA GLN A 318 -7.71 -9.41 -6.93
C GLN A 318 -8.97 -10.19 -7.27
N MET A 319 -10.06 -9.50 -7.59
CA MET A 319 -11.29 -10.18 -7.93
C MET A 319 -11.36 -10.55 -9.41
N GLY A 320 -10.40 -10.10 -10.22
CA GLY A 320 -10.45 -10.29 -11.66
C GLY A 320 -11.59 -9.56 -12.34
N GLY A 321 -11.99 -8.41 -11.83
CA GLY A 321 -13.07 -7.67 -12.45
C GLY A 321 -13.88 -6.91 -11.43
N LEU A 322 -14.87 -6.18 -11.95
CA LEU A 322 -15.66 -5.27 -11.13
C LEU A 322 -17.07 -5.21 -11.68
N ASP A 323 -18.07 -5.50 -10.86
CA ASP A 323 -19.44 -5.27 -11.28
C ASP A 323 -20.05 -3.98 -10.73
N ALA A 324 -19.56 -3.50 -9.59
CA ALA A 324 -20.15 -2.29 -9.03
C ALA A 324 -19.20 -1.65 -8.04
N LEU A 325 -19.27 -0.32 -7.98
CA LEU A 325 -18.47 0.53 -7.10
C LEU A 325 -19.42 1.36 -6.24
N ILE A 326 -19.25 1.30 -4.92
CA ILE A 326 -20.13 2.01 -3.99
C ILE A 326 -19.37 3.14 -3.35
N PHE A 327 -20.03 4.30 -3.22
CA PHE A 327 -19.51 5.42 -2.43
C PHE A 327 -20.40 5.67 -1.23
N THR A 328 -19.80 5.87 -0.07
CA THR A 328 -20.57 6.09 1.14
C THR A 328 -19.76 6.96 2.07
N GLY A 329 -20.36 7.31 3.21
CA GLY A 329 -19.76 8.21 4.17
C GLY A 329 -19.90 9.66 3.73
N GLY A 330 -19.47 10.57 4.62
CA GLY A 330 -19.69 11.99 4.40
C GLY A 330 -19.15 12.49 3.08
N ILE A 331 -17.88 12.16 2.77
CA ILE A 331 -17.30 12.57 1.50
C ILE A 331 -17.96 11.83 0.35
N GLY A 332 -18.06 10.51 0.49
CA GLY A 332 -18.55 9.70 -0.63
C GLY A 332 -20.00 9.97 -0.95
N GLU A 333 -20.82 10.22 0.09
CA GLU A 333 -22.23 10.45 -0.13
C GLU A 333 -22.53 11.82 -0.73
N ASN A 334 -21.65 12.80 -0.54
CA ASN A 334 -21.96 14.19 -0.86
C ASN A 334 -21.03 14.84 -1.89
N SER A 335 -19.85 14.30 -2.18
CA SER A 335 -18.85 15.05 -2.95
C SER A 335 -18.82 14.48 -4.37
N ALA A 336 -19.59 15.11 -5.26
CA ALA A 336 -19.63 14.68 -6.64
C ALA A 336 -18.28 14.88 -7.29
N ARG A 337 -17.52 15.86 -6.79
CA ARG A 337 -16.21 16.12 -7.34
C ARG A 337 -15.22 15.02 -6.96
N ALA A 338 -15.26 14.55 -5.71
CA ALA A 338 -14.40 13.43 -5.30
C ALA A 338 -14.74 12.19 -6.11
N ARG A 339 -16.03 11.88 -6.24
CA ARG A 339 -16.44 10.73 -7.04
C ARG A 339 -15.95 10.85 -8.47
N ALA A 340 -16.03 12.05 -9.06
CA ALA A 340 -15.60 12.25 -10.45
C ALA A 340 -14.09 12.10 -10.58
N ALA A 341 -13.32 12.65 -9.64
CA ALA A 341 -11.87 12.51 -9.72
C ALA A 341 -11.46 11.06 -9.51
N ILE A 342 -12.19 10.32 -8.66
CA ILE A 342 -11.87 8.92 -8.38
C ILE A 342 -12.23 8.05 -9.57
N CYS A 343 -13.26 8.43 -10.33
CA CYS A 343 -13.81 7.57 -11.39
C CYS A 343 -13.33 7.95 -12.79
N ARG A 344 -12.36 8.87 -12.92
CA ARG A 344 -11.97 9.32 -14.25
C ARG A 344 -11.13 8.27 -14.97
N ASN A 345 -11.26 8.26 -16.30
CA ASN A 345 -10.37 7.47 -17.16
C ASN A 345 -10.36 5.99 -16.78
N LEU A 346 -11.55 5.43 -16.64
CA LEU A 346 -11.70 4.02 -16.30
C LEU A 346 -12.45 3.25 -17.41
N HIS A 347 -12.35 3.74 -18.65
CA HIS A 347 -12.91 3.00 -19.78
C HIS A 347 -12.37 1.58 -19.87
N PHE A 348 -11.14 1.33 -19.44
CA PHE A 348 -10.65 -0.04 -19.47
C PHE A 348 -11.47 -0.97 -18.58
N LEU A 349 -12.35 -0.45 -17.74
CA LEU A 349 -13.28 -1.27 -16.96
C LEU A 349 -14.71 -1.15 -17.44
N GLY A 350 -14.98 -0.31 -18.44
CA GLY A 350 -16.36 0.00 -18.72
C GLY A 350 -17.02 0.84 -17.66
N LEU A 351 -16.25 1.70 -16.97
CA LEU A 351 -16.73 2.57 -15.91
C LEU A 351 -16.63 4.02 -16.33
N ALA A 352 -17.76 4.71 -16.31
CA ALA A 352 -17.78 6.16 -16.49
C ALA A 352 -19.03 6.70 -15.80
N LEU A 353 -18.98 7.97 -15.41
CA LEU A 353 -20.06 8.58 -14.67
C LEU A 353 -20.98 9.38 -15.59
N ASP A 354 -22.26 9.41 -15.22
CA ASP A 354 -23.23 10.32 -15.81
C ASP A 354 -23.18 11.62 -15.01
N ASP A 355 -22.69 12.70 -15.62
CA ASP A 355 -22.40 13.90 -14.85
C ASP A 355 -23.66 14.48 -14.20
N GLU A 356 -24.78 14.45 -14.91
CA GLU A 356 -26.01 14.98 -14.33
C GLU A 356 -26.39 14.21 -13.06
N LYS A 357 -26.33 12.88 -13.12
CA LYS A 357 -26.69 12.11 -11.94
C LYS A 357 -25.64 12.28 -10.84
N ASN A 358 -24.37 12.44 -11.21
CA ASN A 358 -23.35 12.57 -10.19
C ASN A 358 -23.49 13.90 -9.44
N GLN A 359 -23.71 15.00 -10.17
CA GLN A 359 -23.87 16.30 -9.50
C GLN A 359 -25.02 16.27 -8.53
N ARG A 360 -26.09 15.58 -8.90
CA ARG A 360 -27.28 15.39 -8.08
C ARG A 360 -27.08 14.39 -6.94
N SER A 361 -25.96 13.67 -6.92
CA SER A 361 -25.75 12.52 -6.02
C SER A 361 -26.95 11.58 -6.05
N ALA A 362 -27.50 11.34 -7.25
CA ALA A 362 -28.49 10.29 -7.44
C ALA A 362 -27.98 8.96 -6.89
N THR A 363 -28.87 7.99 -6.73
CA THR A 363 -28.44 6.75 -6.10
C THR A 363 -27.59 5.90 -7.05
N PHE A 364 -27.82 6.00 -8.38
CA PHE A 364 -26.95 5.39 -9.38
C PHE A 364 -26.43 6.48 -10.32
N ILE A 365 -25.12 6.50 -10.53
CA ILE A 365 -24.49 7.62 -11.22
C ILE A 365 -23.62 7.19 -12.40
N GLN A 366 -23.55 5.90 -12.71
CA GLN A 366 -22.78 5.45 -13.87
C GLN A 366 -23.40 5.96 -15.15
N ALA A 367 -22.56 6.14 -16.16
CA ALA A 367 -23.02 6.55 -17.47
C ALA A 367 -23.99 5.50 -18.04
N ASP A 368 -24.84 5.96 -18.96
CA ASP A 368 -25.86 5.11 -19.58
C ASP A 368 -25.29 3.81 -20.12
N ASN A 369 -24.18 3.86 -20.84
CA ASN A 369 -23.61 2.67 -21.47
C ASN A 369 -22.44 2.08 -20.70
N ALA A 370 -22.35 2.34 -19.41
CA ALA A 370 -21.29 1.77 -18.60
C ALA A 370 -21.63 0.34 -18.20
N LEU A 371 -20.60 -0.48 -18.08
CA LEU A 371 -20.76 -1.85 -17.64
C LEU A 371 -20.71 -1.99 -16.13
N VAL A 372 -20.25 -0.96 -15.43
CA VAL A 372 -20.06 -1.02 -13.99
C VAL A 372 -21.10 -0.11 -13.36
N LYS A 373 -21.93 -0.69 -12.50
CA LYS A 373 -22.86 0.12 -11.72
C LYS A 373 -22.08 0.91 -10.69
N VAL A 374 -22.39 2.19 -10.54
CA VAL A 374 -21.71 3.02 -9.55
C VAL A 374 -22.77 3.67 -8.67
N ALA A 375 -22.80 3.30 -7.39
CA ALA A 375 -23.88 3.61 -6.48
C ALA A 375 -23.42 4.59 -5.41
N VAL A 376 -24.29 5.55 -5.10
CA VAL A 376 -24.12 6.42 -3.95
C VAL A 376 -25.17 5.97 -2.94
N ILE A 377 -24.72 5.42 -1.82
CA ILE A 377 -25.58 4.81 -0.83
C ILE A 377 -25.25 5.41 0.53
N ASN A 378 -26.25 5.98 1.18
CA ASN A 378 -26.04 6.52 2.50
C ASN A 378 -25.84 5.37 3.47
N THR A 379 -24.81 5.45 4.31
CA THR A 379 -24.55 4.36 5.22
C THR A 379 -25.39 4.52 6.47
N ASN A 380 -25.73 3.40 7.07
CA ASN A 380 -26.60 3.43 8.23
C ASN A 380 -26.15 2.30 9.14
N GLU A 381 -25.09 2.54 9.89
CA GLU A 381 -24.55 1.51 10.76
C GLU A 381 -25.53 1.15 11.87
N GLU A 382 -26.30 2.12 12.36
CA GLU A 382 -27.30 1.82 13.39
C GLU A 382 -28.40 0.89 12.88
N LEU A 383 -28.88 1.11 11.65
CA LEU A 383 -29.87 0.19 11.09
C LEU A 383 -29.30 -1.22 11.00
N MET A 384 -28.08 -1.35 10.46
CA MET A 384 -27.41 -2.64 10.36
C MET A 384 -27.30 -3.31 11.72
N ILE A 385 -26.87 -2.55 12.73
CA ILE A 385 -26.82 -3.06 14.09
C ILE A 385 -28.18 -3.54 14.55
N ALA A 386 -29.21 -2.71 14.36
CA ALA A 386 -30.59 -3.12 14.68
C ALA A 386 -30.96 -4.42 13.97
N ARG A 387 -30.51 -4.60 12.74
CA ARG A 387 -30.84 -5.83 12.04
C ARG A 387 -30.13 -7.02 12.66
N ASP A 388 -28.91 -6.83 13.17
CA ASP A 388 -28.22 -7.92 13.82
C ASP A 388 -28.84 -8.25 15.19
N VAL A 389 -29.45 -7.26 15.85
CA VAL A 389 -30.14 -7.51 17.11
C VAL A 389 -31.36 -8.40 16.86
N MET A 390 -32.21 -8.00 15.92
CA MET A 390 -33.34 -8.82 15.50
C MET A 390 -32.91 -10.26 15.21
N ARG A 391 -31.88 -10.42 14.38
CA ARG A 391 -31.44 -11.74 13.95
C ARG A 391 -31.04 -12.62 15.14
N LEU A 392 -30.18 -12.11 16.02
CA LEU A 392 -29.62 -12.94 17.09
C LEU A 392 -30.41 -12.88 18.39
N ALA A 393 -31.25 -11.85 18.60
CA ALA A 393 -31.95 -11.71 19.87
C ALA A 393 -33.47 -11.81 19.79
N LEU A 394 -34.07 -11.71 18.60
CA LEU A 394 -35.49 -11.96 18.43
C LEU A 394 -35.73 -12.81 17.18
N PRO A 395 -35.18 -14.03 17.14
CA PRO A 395 -35.38 -14.90 15.96
C PRO A 395 -36.84 -15.02 15.51
N GLN A 396 -37.79 -14.87 16.44
CA GLN A 396 -39.23 -14.66 16.17
C GLN A 396 -39.58 -14.24 14.74
N THR B 2 33.72 1.57 -33.73
CA THR B 2 33.46 0.83 -32.50
C THR B 2 34.30 1.35 -31.33
N TYR B 3 33.69 1.35 -30.15
CA TYR B 3 34.24 1.96 -28.95
C TYR B 3 34.21 0.95 -27.79
N LYS B 4 35.06 1.21 -26.80
CA LYS B 4 35.25 0.30 -25.67
C LYS B 4 34.85 1.01 -24.39
N ILE B 5 33.77 0.54 -23.75
CA ILE B 5 33.21 1.16 -22.56
C ILE B 5 33.23 0.19 -21.41
N MET B 6 33.62 0.67 -20.23
CA MET B 6 33.71 -0.16 -19.04
C MET B 6 32.58 0.23 -18.09
N ALA B 7 31.78 -0.74 -17.68
CA ALA B 7 30.74 -0.50 -16.68
C ALA B 7 31.22 -1.04 -15.33
N ILE B 8 30.94 -0.30 -14.27
CA ILE B 8 31.50 -0.55 -12.95
C ILE B 8 30.38 -0.50 -11.92
N ASN B 9 30.47 -1.36 -10.91
CA ASN B 9 29.52 -1.35 -9.80
C ASN B 9 30.30 -1.59 -8.52
N ALA B 10 30.45 -0.56 -7.69
CA ALA B 10 31.21 -0.64 -6.46
C ALA B 10 30.27 -0.92 -5.28
N GLY B 11 30.46 -2.07 -4.63
CA GLY B 11 29.78 -2.40 -3.41
C GLY B 11 30.71 -2.27 -2.21
N SER B 12 30.09 -2.25 -1.01
CA SER B 12 30.86 -1.98 0.21
C SER B 12 31.96 -3.01 0.44
N SER B 13 31.88 -4.19 -0.18
CA SER B 13 32.94 -5.19 -0.12
C SER B 13 33.04 -5.93 -1.44
N SER B 14 33.06 -5.17 -2.55
CA SER B 14 32.92 -5.76 -3.87
C SER B 14 33.28 -4.76 -4.96
N LEU B 15 33.52 -5.28 -6.17
CA LEU B 15 33.74 -4.45 -7.37
C LEU B 15 33.46 -5.27 -8.63
N LYS B 16 32.35 -4.98 -9.31
CA LYS B 16 31.97 -5.67 -10.54
C LYS B 16 32.34 -4.83 -11.75
N PHE B 17 32.56 -5.50 -12.89
CA PHE B 17 33.02 -4.81 -14.10
C PHE B 17 32.56 -5.55 -15.34
N GLN B 18 32.23 -4.79 -16.38
CA GLN B 18 31.98 -5.30 -17.71
C GLN B 18 32.62 -4.35 -18.71
N LEU B 19 33.24 -4.91 -19.74
CA LEU B 19 33.89 -4.13 -20.79
C LEU B 19 33.26 -4.53 -22.12
N LEU B 20 32.46 -3.63 -22.70
CA LEU B 20 31.67 -3.92 -23.89
C LEU B 20 32.25 -3.24 -25.11
N ASN B 21 32.02 -3.86 -26.27
CA ASN B 21 32.28 -3.23 -27.56
C ASN B 21 31.02 -2.48 -27.99
N MET B 22 31.12 -1.16 -28.08
CA MET B 22 29.92 -0.37 -28.30
C MET B 22 29.88 0.20 -29.71
N PRO B 23 28.69 0.34 -30.30
CA PRO B 23 27.39 0.05 -29.69
C PRO B 23 26.79 -1.31 -30.05
N GLN B 24 27.62 -2.27 -30.44
CA GLN B 24 27.11 -3.62 -30.72
C GLN B 24 26.43 -4.21 -29.49
N GLY B 25 27.04 -4.04 -28.33
CA GLY B 25 26.64 -4.76 -27.14
C GLY B 25 27.52 -5.94 -26.80
N ALA B 26 28.47 -6.29 -27.67
CA ALA B 26 29.30 -7.47 -27.45
C ALA B 26 30.17 -7.28 -26.22
N LEU B 27 30.20 -8.31 -25.37
CA LEU B 27 31.04 -8.29 -24.18
C LEU B 27 32.46 -8.70 -24.52
N LEU B 28 33.42 -7.88 -24.08
CA LEU B 28 34.85 -8.20 -24.19
C LEU B 28 35.33 -8.99 -22.98
N CYS B 29 34.90 -8.63 -21.78
CA CYS B 29 35.15 -9.43 -20.59
C CYS B 29 34.25 -8.90 -19.46
N GLN B 30 34.21 -9.66 -18.38
CA GLN B 30 33.34 -9.38 -17.25
C GLN B 30 33.86 -10.16 -16.06
N GLY B 31 33.59 -9.66 -14.86
CA GLY B 31 34.08 -10.35 -13.69
C GLY B 31 33.70 -9.62 -12.42
N LEU B 32 34.29 -10.09 -11.32
CA LEU B 32 33.86 -9.69 -9.99
C LEU B 32 35.01 -9.87 -9.01
N ILE B 33 35.10 -8.97 -8.04
CA ILE B 33 36.04 -9.08 -6.93
C ILE B 33 35.25 -9.05 -5.63
N GLU B 34 35.41 -10.07 -4.80
CA GLU B 34 34.74 -10.18 -3.51
C GLU B 34 35.76 -10.27 -2.39
N ARG B 35 35.28 -10.06 -1.15
CA ARG B 35 36.08 -10.23 0.07
C ARG B 35 37.19 -9.17 0.16
N ILE B 36 36.79 -7.91 0.15
CA ILE B 36 37.78 -6.84 0.19
C ILE B 36 37.91 -6.27 1.60
N ARG B 42 39.39 -13.00 -3.59
CA ARG B 42 38.66 -13.65 -4.68
C ARG B 42 38.34 -12.72 -5.88
N PHE B 43 39.02 -12.95 -7.01
CA PHE B 43 38.94 -12.09 -8.19
C PHE B 43 38.72 -12.99 -9.41
N THR B 44 37.56 -12.83 -10.05
CA THR B 44 37.16 -13.64 -11.19
C THR B 44 37.08 -12.78 -12.46
N LEU B 45 37.60 -13.31 -13.57
CA LEU B 45 37.62 -12.59 -14.84
C LEU B 45 37.30 -13.57 -15.96
N LYS B 46 36.13 -13.43 -16.55
CA LYS B 46 35.70 -14.28 -17.67
C LYS B 46 35.72 -13.49 -18.96
N THR B 47 36.11 -14.18 -20.03
CA THR B 47 36.08 -13.64 -21.39
C THR B 47 35.16 -14.56 -22.21
N SER B 48 35.06 -14.27 -23.52
CA SER B 48 34.24 -15.09 -24.41
C SER B 48 34.55 -16.58 -24.30
N ALA B 49 35.84 -16.92 -24.07
CA ALA B 49 36.26 -18.31 -24.12
C ALA B 49 37.27 -18.69 -23.04
N GLN B 50 37.39 -17.89 -21.97
CA GLN B 50 38.30 -18.22 -20.87
C GLN B 50 37.66 -17.82 -19.54
N LYS B 51 38.32 -18.21 -18.45
CA LYS B 51 37.93 -17.84 -17.10
C LYS B 51 39.20 -17.79 -16.26
N TRP B 52 39.18 -17.00 -15.18
CA TRP B 52 40.42 -16.81 -14.41
C TRP B 52 40.20 -16.42 -12.94
N GLN B 53 39.75 -17.36 -12.09
CA GLN B 53 39.56 -17.05 -10.68
C GLN B 53 40.89 -17.16 -9.91
N GLU B 54 40.98 -16.38 -8.83
CA GLU B 54 42.12 -16.41 -7.92
C GLU B 54 41.59 -16.31 -6.49
N THR B 55 42.52 -16.20 -5.53
CA THR B 55 42.16 -15.91 -4.13
C THR B 55 43.36 -15.19 -3.51
N LEU B 56 43.26 -13.88 -3.32
CA LEU B 56 44.32 -13.10 -2.68
C LEU B 56 43.86 -12.57 -1.32
N ASP B 60 41.36 -3.07 0.70
CA ASP B 60 40.74 -1.82 0.30
C ASP B 60 40.35 -1.85 -1.19
N HIS B 61 39.56 -0.87 -1.64
CA HIS B 61 39.10 -0.88 -3.02
C HIS B 61 40.15 -0.39 -4.02
N HIS B 62 41.20 0.32 -3.55
CA HIS B 62 42.26 0.72 -4.47
C HIS B 62 42.98 -0.49 -5.03
N GLU B 63 43.22 -1.52 -4.20
CA GLU B 63 43.90 -2.71 -4.68
C GLU B 63 43.06 -3.45 -5.72
N ALA B 64 41.73 -3.37 -5.62
CA ALA B 64 40.87 -4.06 -6.60
C ALA B 64 40.94 -3.40 -7.96
N VAL B 65 40.98 -2.06 -7.99
CA VAL B 65 41.07 -1.34 -9.25
C VAL B 65 42.42 -1.56 -9.92
N THR B 66 43.50 -1.57 -9.11
CA THR B 66 44.83 -1.80 -9.65
C THR B 66 44.90 -3.16 -10.34
N LEU B 67 44.48 -4.22 -9.65
CA LEU B 67 44.55 -5.57 -10.21
C LEU B 67 43.65 -5.73 -11.43
N LEU B 68 42.44 -5.17 -11.36
CA LEU B 68 41.52 -5.26 -12.49
C LEU B 68 42.09 -4.59 -13.73
N LEU B 69 42.69 -3.41 -13.59
CA LEU B 69 43.26 -2.74 -14.75
C LEU B 69 44.54 -3.43 -15.22
N GLU B 70 45.31 -4.02 -14.29
CA GLU B 70 46.45 -4.82 -14.69
C GLU B 70 46.02 -6.02 -15.53
N ALA B 71 44.85 -6.58 -15.19
CA ALA B 71 44.38 -7.81 -15.85
C ALA B 71 44.07 -7.59 -17.32
N LEU B 72 43.43 -6.48 -17.67
CA LEU B 72 42.99 -6.26 -19.05
C LEU B 72 44.17 -6.20 -20.02
N THR B 73 45.30 -5.62 -19.57
CA THR B 73 46.52 -5.68 -20.37
C THR B 73 47.14 -7.07 -20.31
N GLY B 74 47.25 -7.65 -19.11
CA GLY B 74 47.94 -8.91 -18.95
C GLY B 74 47.26 -10.06 -19.66
N ARG B 75 45.96 -10.25 -19.39
CA ARG B 75 45.25 -11.36 -20.00
C ARG B 75 44.97 -11.14 -21.49
N GLY B 76 45.34 -10.00 -22.05
CA GLY B 76 45.24 -9.79 -23.49
C GLY B 76 43.90 -9.32 -24.01
N ILE B 77 43.03 -8.79 -23.13
CA ILE B 77 41.74 -8.28 -23.56
C ILE B 77 41.87 -6.91 -24.21
N LEU B 78 42.80 -6.09 -23.71
CA LEU B 78 43.11 -4.79 -24.29
C LEU B 78 44.62 -4.67 -24.46
N SER B 79 45.05 -4.22 -25.64
CA SER B 79 46.47 -4.00 -25.88
C SER B 79 46.99 -2.75 -25.16
N SER B 80 46.12 -1.82 -24.79
CA SER B 80 46.52 -0.70 -23.96
C SER B 80 45.35 -0.28 -23.09
N LEU B 81 45.67 0.22 -21.90
CA LEU B 81 44.67 0.82 -21.03
C LEU B 81 44.05 2.07 -21.63
N GLN B 82 44.59 2.58 -22.74
CA GLN B 82 44.08 3.78 -23.38
C GLN B 82 43.08 3.46 -24.49
N GLU B 83 42.76 2.18 -24.70
CA GLU B 83 41.71 1.77 -25.62
C GLU B 83 40.31 1.89 -25.03
N ILE B 84 40.20 2.10 -23.70
CA ILE B 84 38.92 2.34 -23.06
C ILE B 84 38.46 3.74 -23.44
N ASP B 85 37.29 3.84 -24.06
CA ASP B 85 36.75 5.14 -24.43
C ASP B 85 35.94 5.78 -23.31
N GLY B 86 35.28 4.97 -22.48
CA GLY B 86 34.47 5.53 -21.41
C GLY B 86 34.33 4.52 -20.29
N VAL B 87 33.98 5.04 -19.12
CA VAL B 87 33.62 4.22 -17.98
C VAL B 87 32.33 4.75 -17.38
N GLY B 88 31.39 3.85 -17.11
CA GLY B 88 30.14 4.18 -16.41
C GLY B 88 30.12 3.57 -15.02
N HIS B 89 29.62 4.34 -14.06
CA HIS B 89 29.61 3.94 -12.66
C HIS B 89 28.18 3.90 -12.16
N ARG B 90 27.79 2.78 -11.57
CA ARG B 90 26.47 2.71 -10.94
C ARG B 90 26.48 3.49 -9.63
N VAL B 91 25.58 4.46 -9.51
CA VAL B 91 25.31 5.15 -8.25
C VAL B 91 23.91 4.77 -7.79
N ALA B 92 23.73 4.67 -6.48
CA ALA B 92 22.49 4.10 -5.95
C ALA B 92 21.38 5.13 -5.87
N HIS B 93 21.69 6.32 -5.37
CA HIS B 93 20.67 7.30 -5.02
C HIS B 93 21.15 8.66 -5.49
N GLY B 94 20.41 9.26 -6.42
CA GLY B 94 20.77 10.57 -6.93
C GLY B 94 19.78 11.64 -6.51
N GLY B 95 18.98 11.36 -5.49
CA GLY B 95 17.97 12.25 -4.96
C GLY B 95 17.13 12.89 -6.05
N GLU B 96 16.72 14.14 -5.79
CA GLU B 96 16.04 14.96 -6.77
C GLU B 96 16.98 15.64 -7.77
N ARG B 97 18.28 15.74 -7.47
CA ARG B 97 19.15 16.60 -8.27
C ARG B 97 19.43 16.00 -9.65
N PHE B 98 19.54 14.67 -9.74
CA PHE B 98 19.92 14.00 -10.98
C PHE B 98 18.69 13.34 -11.58
N LYS B 99 18.14 13.94 -12.64
CA LYS B 99 17.05 13.36 -13.41
C LYS B 99 17.57 12.53 -14.58
N ASP B 100 18.88 12.39 -14.70
CA ASP B 100 19.52 11.65 -15.77
C ASP B 100 20.89 11.22 -15.28
N ALA B 101 21.55 10.39 -16.07
CA ALA B 101 22.96 10.14 -15.85
C ALA B 101 23.72 11.45 -16.00
N ALA B 102 24.93 11.51 -15.44
CA ALA B 102 25.71 12.73 -15.40
C ALA B 102 27.17 12.45 -15.68
N LEU B 103 27.74 13.23 -16.61
CA LEU B 103 29.18 13.28 -16.80
C LEU B 103 29.87 13.56 -15.47
N VAL B 104 30.84 12.72 -15.11
CA VAL B 104 31.50 12.93 -13.83
C VAL B 104 32.51 14.05 -14.01
N CYS B 105 32.04 15.29 -13.94
CA CYS B 105 32.94 16.41 -13.73
C CYS B 105 33.20 16.46 -12.22
N ASP B 106 33.68 17.60 -11.70
CA ASP B 106 34.26 17.51 -10.36
C ASP B 106 33.22 17.56 -9.26
N ASP B 107 32.27 18.49 -9.30
CA ASP B 107 31.31 18.52 -8.20
C ASP B 107 30.03 17.76 -8.53
N THR B 108 29.97 17.02 -9.63
CA THR B 108 29.05 15.89 -9.66
C THR B 108 29.39 14.94 -8.53
N LEU B 109 30.70 14.77 -8.25
CA LEU B 109 31.13 13.91 -7.15
C LEU B 109 30.75 14.51 -5.79
N ARG B 110 30.92 15.83 -5.63
CA ARG B 110 30.49 16.45 -4.39
C ARG B 110 29.03 16.14 -4.08
N GLU B 111 28.16 16.27 -5.10
CA GLU B 111 26.74 16.11 -4.87
C GLU B 111 26.36 14.64 -4.72
N ILE B 112 27.10 13.73 -5.35
CA ILE B 112 26.86 12.31 -5.07
C ILE B 112 27.14 12.02 -3.59
N GLU B 113 28.19 12.65 -3.04
CA GLU B 113 28.55 12.37 -1.65
C GLU B 113 27.70 13.15 -0.65
N ARG B 114 27.29 14.39 -0.98
CA ARG B 114 26.35 15.09 -0.11
C ARG B 114 25.03 14.34 0.02
N LEU B 115 24.70 13.47 -0.94
CA LEU B 115 23.51 12.64 -0.90
C LEU B 115 23.72 11.33 -0.14
N ALA B 116 24.96 11.04 0.25
CA ALA B 116 25.26 9.81 0.97
C ALA B 116 24.46 9.69 2.26
N GLU B 117 23.89 10.78 2.75
CA GLU B 117 23.05 10.69 3.93
C GLU B 117 21.76 9.93 3.64
N LEU B 118 21.38 9.83 2.36
CA LEU B 118 20.19 9.11 1.94
C LEU B 118 20.47 7.66 1.57
N ALA B 119 21.61 7.39 0.94
CA ALA B 119 22.07 6.03 0.68
C ALA B 119 23.36 5.81 1.45
N PRO B 120 23.27 5.59 2.77
CA PRO B 120 24.49 5.60 3.60
C PRO B 120 25.49 4.54 3.21
N LEU B 121 25.03 3.34 2.89
CA LEU B 121 25.93 2.22 2.62
C LEU B 121 26.44 2.20 1.19
N HIS B 122 25.65 2.65 0.21
CA HIS B 122 26.01 2.44 -1.18
C HIS B 122 26.65 3.66 -1.83
N ASN B 123 26.10 4.86 -1.58
CA ASN B 123 26.62 6.04 -2.27
C ASN B 123 28.10 6.27 -2.01
N PRO B 124 28.60 6.30 -0.77
CA PRO B 124 30.04 6.57 -0.58
C PRO B 124 30.93 5.58 -1.30
N VAL B 125 30.54 4.30 -1.32
CA VAL B 125 31.35 3.30 -2.00
C VAL B 125 31.35 3.53 -3.50
N ASN B 126 30.18 3.86 -4.08
CA ASN B 126 30.13 4.19 -5.50
C ASN B 126 31.04 5.38 -5.81
N ALA B 127 30.92 6.45 -5.03
CA ALA B 127 31.74 7.65 -5.25
C ALA B 127 33.21 7.34 -5.07
N LEU B 128 33.54 6.53 -4.07
CA LEU B 128 34.91 6.03 -3.92
C LEU B 128 35.43 5.48 -5.25
N GLY B 129 34.70 4.51 -5.83
CA GLY B 129 35.11 3.93 -7.10
C GLY B 129 35.15 4.91 -8.26
N ILE B 130 34.26 5.92 -8.25
CA ILE B 130 34.36 6.98 -9.26
C ILE B 130 35.70 7.70 -9.13
N ARG B 131 36.11 8.00 -7.90
CA ARG B 131 37.38 8.72 -7.67
C ARG B 131 38.57 7.89 -8.13
N LEU B 132 38.65 6.64 -7.67
CA LEU B 132 39.79 5.79 -8.01
C LEU B 132 39.98 5.70 -9.51
N PHE B 133 38.88 5.53 -10.25
CA PHE B 133 39.01 5.46 -11.70
C PHE B 133 39.49 6.79 -12.26
N ARG B 134 39.11 7.90 -11.63
CA ARG B 134 39.66 9.20 -12.01
C ARG B 134 41.17 9.26 -11.75
N GLN B 135 41.61 8.71 -10.61
CA GLN B 135 43.04 8.62 -10.32
C GLN B 135 43.74 7.76 -11.36
N LEU B 136 43.38 6.50 -11.40
CA LEU B 136 44.11 5.50 -12.15
C LEU B 136 43.88 5.59 -13.66
N LEU B 137 42.77 6.19 -14.09
CA LEU B 137 42.42 6.30 -15.50
C LEU B 137 42.07 7.75 -15.82
N PRO B 138 43.06 8.65 -15.75
CA PRO B 138 42.75 10.08 -15.85
C PRO B 138 42.30 10.52 -17.25
N ALA B 139 42.63 9.77 -18.30
CA ALA B 139 42.40 10.20 -19.68
C ALA B 139 41.03 9.84 -20.24
N VAL B 140 40.23 9.04 -19.52
CA VAL B 140 39.03 8.45 -20.06
C VAL B 140 37.83 9.00 -19.24
N PRO B 141 36.80 9.53 -19.91
CA PRO B 141 35.71 10.16 -19.16
C PRO B 141 34.78 9.16 -18.51
N ALA B 142 34.11 9.63 -17.46
CA ALA B 142 33.28 8.81 -16.61
C ALA B 142 31.88 9.40 -16.54
N VAL B 143 30.88 8.52 -16.57
CA VAL B 143 29.48 8.89 -16.40
C VAL B 143 28.94 8.15 -15.19
N ALA B 144 28.17 8.85 -14.37
CA ALA B 144 27.46 8.20 -13.26
C ALA B 144 26.01 7.95 -13.69
N VAL B 145 25.52 6.75 -13.36
CA VAL B 145 24.17 6.30 -13.72
C VAL B 145 23.44 5.93 -12.43
N PHE B 146 22.32 6.58 -12.16
CA PHE B 146 21.65 6.53 -10.87
C PHE B 146 20.45 5.60 -10.92
N ASP B 147 20.32 4.75 -9.90
CA ASP B 147 19.19 3.84 -9.79
C ASP B 147 17.87 4.58 -9.58
N THR B 148 17.94 5.87 -9.22
CA THR B 148 16.76 6.68 -8.93
C THR B 148 16.33 7.58 -10.07
N ALA B 149 17.22 7.86 -11.03
CA ALA B 149 16.99 8.95 -11.97
C ALA B 149 15.78 8.69 -12.87
N PHE B 150 15.57 7.43 -13.27
CA PHE B 150 14.50 7.09 -14.19
C PHE B 150 13.13 7.46 -13.63
N HIS B 151 12.99 7.40 -12.31
CA HIS B 151 11.74 7.66 -11.63
C HIS B 151 11.51 9.13 -11.28
N GLN B 152 12.38 10.04 -11.70
CA GLN B 152 12.15 11.45 -11.39
C GLN B 152 11.06 12.07 -12.26
N THR B 153 10.47 11.32 -13.20
CA THR B 153 9.28 11.79 -13.89
C THR B 153 7.99 11.56 -13.09
N LEU B 154 8.06 10.98 -11.89
CA LEU B 154 6.84 10.76 -11.13
C LEU B 154 6.18 12.08 -10.76
N ALA B 155 4.88 12.18 -10.98
CA ALA B 155 4.14 13.34 -10.52
C ALA B 155 4.05 13.36 -9.00
N PRO B 156 3.78 14.53 -8.42
CA PRO B 156 3.66 14.61 -6.94
C PRO B 156 2.62 13.68 -6.33
N GLU B 157 1.48 13.45 -7.00
CA GLU B 157 0.53 12.44 -6.52
C GLU B 157 1.18 11.07 -6.32
N ALA B 158 2.27 10.77 -7.03
CA ALA B 158 2.94 9.48 -6.88
C ALA B 158 4.07 9.50 -5.87
N TRP B 159 4.68 10.64 -5.55
CA TRP B 159 5.85 10.58 -4.69
C TRP B 159 5.67 11.22 -3.32
N LEU B 160 4.61 12.01 -3.11
CA LEU B 160 4.34 12.62 -1.81
C LEU B 160 3.55 11.67 -0.93
N TYR B 161 4.12 11.29 0.21
CA TYR B 161 3.34 10.55 1.19
C TYR B 161 2.39 11.52 1.89
N PRO B 162 1.19 11.05 2.31
CA PRO B 162 0.23 11.94 2.98
C PRO B 162 0.62 12.25 4.42
N LEU B 163 1.89 12.63 4.60
CA LEU B 163 2.46 13.10 5.85
C LEU B 163 2.40 14.62 5.89
N PRO B 164 2.69 15.26 7.02
CA PRO B 164 2.71 16.73 7.03
C PRO B 164 3.70 17.22 6.00
N TRP B 165 3.29 18.28 5.28
CA TRP B 165 4.11 18.83 4.21
C TRP B 165 5.54 19.05 4.65
N ARG B 166 5.74 19.47 5.90
CA ARG B 166 7.08 19.71 6.44
C ARG B 166 8.01 18.52 6.21
N TYR B 167 7.51 17.30 6.39
CA TYR B 167 8.38 16.12 6.30
C TYR B 167 9.00 15.96 4.93
N TYR B 168 8.37 16.52 3.90
CA TYR B 168 8.99 16.53 2.59
C TYR B 168 9.79 17.82 2.38
N ALA B 169 9.13 18.97 2.51
CA ALA B 169 9.72 20.24 2.12
C ALA B 169 10.93 20.61 2.95
N GLU B 170 11.10 20.01 4.12
CA GLU B 170 12.25 20.28 4.98
C GLU B 170 13.17 19.10 5.15
N LEU B 171 12.63 17.88 5.28
CA LEU B 171 13.47 16.71 5.51
C LEU B 171 13.74 15.87 4.28
N GLY B 172 12.99 16.08 3.19
CA GLY B 172 13.23 15.32 1.96
C GLY B 172 12.63 13.94 1.93
N ILE B 173 11.64 13.66 2.77
CA ILE B 173 10.95 12.37 2.75
C ILE B 173 9.99 12.36 1.57
N ARG B 174 10.16 11.40 0.67
CA ARG B 174 9.30 11.20 -0.49
C ARG B 174 9.66 9.86 -1.10
N ARG B 175 8.80 9.40 -1.99
CA ARG B 175 9.16 8.27 -2.83
C ARG B 175 10.30 8.66 -3.78
N TYR B 176 11.31 7.81 -3.85
CA TYR B 176 12.31 7.89 -4.92
C TYR B 176 12.19 6.72 -5.88
N GLY B 177 12.08 5.51 -5.36
CA GLY B 177 12.13 4.33 -6.20
C GLY B 177 13.55 3.98 -6.63
N PHE B 178 13.74 2.71 -6.96
CA PHE B 178 15.05 2.20 -7.34
C PHE B 178 14.85 1.22 -8.49
N HIS B 179 15.89 0.45 -8.81
CA HIS B 179 15.90 -0.39 -10.00
C HIS B 179 15.65 0.43 -11.26
N GLY B 180 15.95 1.73 -11.21
CA GLY B 180 15.65 2.59 -12.34
C GLY B 180 16.36 2.14 -13.60
N THR B 181 17.64 1.80 -13.48
CA THR B 181 18.39 1.39 -14.67
C THR B 181 17.78 0.13 -15.28
N SER B 182 17.38 -0.82 -14.44
CA SER B 182 16.74 -2.03 -14.93
C SER B 182 15.41 -1.71 -15.63
N HIS B 183 14.48 -1.07 -14.91
CA HIS B 183 13.16 -0.76 -15.48
C HIS B 183 13.30 0.00 -16.80
N HIS B 184 14.23 0.96 -16.83
CA HIS B 184 14.50 1.70 -18.06
C HIS B 184 15.01 0.76 -19.16
N TYR B 185 15.95 -0.13 -18.84
CA TYR B 185 16.49 -1.01 -19.87
C TYR B 185 15.42 -1.94 -20.45
N VAL B 186 14.66 -2.62 -19.60
CA VAL B 186 13.77 -3.66 -20.13
C VAL B 186 12.56 -3.04 -20.79
N SER B 187 12.15 -1.85 -20.32
CA SER B 187 11.12 -1.08 -21.03
C SER B 187 11.52 -0.83 -22.49
N SER B 188 12.72 -0.28 -22.67
CA SER B 188 13.15 0.04 -24.03
C SER B 188 13.39 -1.22 -24.85
N ALA B 189 13.89 -2.29 -24.22
CA ALA B 189 14.06 -3.54 -24.95
C ALA B 189 12.71 -4.09 -25.40
N LEU B 190 11.69 -4.03 -24.54
CA LEU B 190 10.37 -4.48 -24.94
C LEU B 190 9.90 -3.74 -26.18
N ALA B 191 10.04 -2.40 -26.16
CA ALA B 191 9.55 -1.60 -27.28
C ALA B 191 10.34 -1.91 -28.55
N GLU B 192 11.67 -2.06 -28.43
CA GLU B 192 12.47 -2.43 -29.59
C GLU B 192 12.05 -3.79 -30.15
N LYS B 193 11.71 -4.75 -29.29
CA LYS B 193 11.31 -6.08 -29.77
C LYS B 193 9.95 -6.02 -30.46
N LEU B 194 9.08 -5.09 -30.06
CA LEU B 194 7.81 -4.89 -30.73
C LEU B 194 7.88 -3.91 -31.91
N GLY B 195 9.01 -3.24 -32.11
CA GLY B 195 9.13 -2.33 -33.25
C GLY B 195 8.27 -1.09 -33.14
N VAL B 196 8.07 -0.60 -31.92
CA VAL B 196 7.17 0.49 -31.59
C VAL B 196 7.85 1.43 -30.61
N PRO B 197 7.55 2.73 -30.66
CA PRO B 197 8.13 3.64 -29.67
C PRO B 197 7.67 3.29 -28.26
N LEU B 198 8.57 3.35 -27.29
CA LEU B 198 8.18 2.99 -25.93
C LEU B 198 7.00 3.83 -25.45
N SER B 199 6.98 5.11 -25.83
CA SER B 199 5.89 6.02 -25.47
C SER B 199 4.53 5.62 -26.05
N ALA B 200 4.47 4.69 -27.02
CA ALA B 200 3.18 4.17 -27.47
C ALA B 200 2.57 3.14 -26.52
N LEU B 201 3.26 2.73 -25.44
CA LEU B 201 2.82 1.61 -24.64
C LEU B 201 2.54 2.01 -23.19
N ARG B 202 1.51 1.37 -22.60
CA ARG B 202 1.27 1.37 -21.17
C ARG B 202 1.89 0.08 -20.66
N VAL B 203 2.94 0.20 -19.87
CA VAL B 203 3.78 -0.93 -19.54
C VAL B 203 3.85 -1.07 -18.03
N VAL B 204 3.75 -2.29 -17.53
CA VAL B 204 4.10 -2.57 -16.15
C VAL B 204 5.31 -3.50 -16.14
N SER B 205 6.36 -3.07 -15.45
CA SER B 205 7.63 -3.78 -15.44
C SER B 205 7.82 -4.32 -14.02
N CYS B 206 8.08 -5.61 -13.93
CA CYS B 206 8.30 -6.28 -12.65
C CYS B 206 9.74 -6.77 -12.56
N HIS B 207 10.56 -6.10 -11.74
CA HIS B 207 11.91 -6.55 -11.43
C HIS B 207 11.86 -7.44 -10.19
N LEU B 208 12.01 -8.75 -10.37
CA LEU B 208 11.84 -9.72 -9.30
C LEU B 208 13.16 -10.47 -9.11
N GLY B 209 13.98 -9.97 -8.20
CA GLY B 209 15.27 -10.53 -7.84
C GLY B 209 15.26 -10.77 -6.34
N ASN B 210 16.43 -10.61 -5.73
CA ASN B 210 16.38 -10.59 -4.27
C ASN B 210 15.70 -9.33 -3.78
N GLY B 211 16.01 -8.19 -4.43
CA GLY B 211 15.16 -7.03 -4.34
C GLY B 211 14.05 -7.08 -5.38
N CYS B 212 12.92 -6.46 -5.06
CA CYS B 212 11.75 -6.54 -5.93
C CYS B 212 11.10 -5.16 -6.03
N SER B 213 10.81 -4.73 -7.25
CA SER B 213 10.05 -3.51 -7.48
C SER B 213 9.22 -3.64 -8.75
N VAL B 214 8.12 -2.90 -8.79
CA VAL B 214 7.24 -2.80 -9.94
C VAL B 214 7.28 -1.35 -10.42
N CYS B 215 7.15 -1.15 -11.72
CA CYS B 215 7.24 0.20 -12.26
C CYS B 215 6.21 0.33 -13.36
N ALA B 216 5.56 1.50 -13.42
CA ALA B 216 4.60 1.82 -14.46
C ALA B 216 5.25 2.81 -15.43
N ILE B 217 5.30 2.44 -16.71
CA ILE B 217 5.87 3.29 -17.75
C ILE B 217 4.77 3.61 -18.76
N LYS B 218 4.47 4.90 -18.89
CA LYS B 218 3.46 5.44 -19.79
C LYS B 218 4.02 6.68 -20.48
N GLY B 219 3.73 6.79 -21.78
CA GLY B 219 4.30 7.89 -22.55
C GLY B 219 5.82 7.96 -22.49
N GLY B 220 6.47 6.85 -22.21
CA GLY B 220 7.92 6.79 -22.17
C GLY B 220 8.54 7.06 -20.82
N GLN B 221 7.74 7.36 -19.81
CA GLN B 221 8.22 7.80 -18.50
C GLN B 221 7.71 6.90 -17.39
N SER B 222 8.53 6.78 -16.35
CA SER B 222 8.07 6.27 -15.07
C SER B 222 6.98 7.15 -14.51
N VAL B 223 5.79 6.59 -14.30
CA VAL B 223 4.72 7.32 -13.63
C VAL B 223 4.45 6.79 -12.23
N ASN B 224 5.00 5.62 -11.89
CA ASN B 224 4.95 5.11 -10.52
C ASN B 224 5.91 3.93 -10.38
N THR B 225 6.28 3.68 -9.13
CA THR B 225 7.16 2.56 -8.83
C THR B 225 7.04 2.24 -7.34
N SER B 226 7.33 0.97 -7.00
CA SER B 226 6.85 0.41 -5.74
C SER B 226 7.79 0.70 -4.56
N MET B 227 9.10 0.73 -4.79
CA MET B 227 9.97 1.19 -3.71
C MET B 227 9.77 2.69 -3.49
N GLY B 228 10.07 3.13 -2.28
CA GLY B 228 9.69 4.47 -1.90
C GLY B 228 10.86 5.32 -1.47
N PHE B 229 10.84 5.75 -0.21
CA PHE B 229 11.96 6.46 0.40
C PHE B 229 13.23 5.62 0.36
N THR B 230 13.10 4.33 0.60
CA THR B 230 14.18 3.37 0.76
C THR B 230 13.86 2.17 -0.11
N PRO B 231 14.86 1.36 -0.46
CA PRO B 231 14.55 0.11 -1.18
C PRO B 231 13.93 -0.98 -0.31
N GLN B 232 13.45 -0.61 0.89
CA GLN B 232 12.81 -1.56 1.79
C GLN B 232 11.35 -1.79 1.43
N SER B 233 10.67 -0.74 0.99
CA SER B 233 9.22 -0.74 0.85
C SER B 233 8.76 -1.26 -0.51
N GLY B 234 7.45 -1.33 -0.66
CA GLY B 234 6.84 -1.83 -1.88
C GLY B 234 6.34 -3.24 -1.71
N VAL B 235 6.75 -4.14 -2.61
CA VAL B 235 6.26 -5.51 -2.57
C VAL B 235 7.12 -6.35 -1.65
N MET B 236 6.74 -7.61 -1.48
CA MET B 236 7.46 -8.52 -0.63
C MET B 236 8.69 -9.02 -1.38
N MET B 237 9.79 -9.19 -0.65
CA MET B 237 11.09 -9.46 -1.25
C MET B 237 11.74 -10.67 -0.54
N GLY B 238 13.05 -10.82 -0.76
CA GLY B 238 13.75 -11.97 -0.21
C GLY B 238 13.85 -11.92 1.31
N THR B 239 14.27 -10.78 1.85
CA THR B 239 14.22 -10.55 3.29
C THR B 239 13.53 -9.26 3.69
N ARG B 240 13.13 -8.43 2.73
CA ARG B 240 12.43 -7.19 3.02
C ARG B 240 10.92 -7.42 3.03
N SER B 241 10.24 -6.74 3.94
CA SER B 241 8.80 -6.91 4.09
C SER B 241 8.02 -6.23 2.96
N GLY B 242 8.59 -5.17 2.38
CA GLY B 242 7.82 -4.25 1.60
C GLY B 242 6.85 -3.57 2.54
N ASP B 243 5.83 -2.96 1.93
CA ASP B 243 4.87 -2.17 2.69
C ASP B 243 4.17 -3.02 3.74
N ILE B 244 3.95 -2.43 4.91
CA ILE B 244 3.05 -2.98 5.93
C ILE B 244 2.32 -1.83 6.59
N ASP B 245 1.31 -2.18 7.37
CA ASP B 245 0.57 -1.23 8.20
C ASP B 245 1.56 -0.44 9.04
N PRO B 246 1.71 0.85 8.78
CA PRO B 246 2.71 1.65 9.49
C PRO B 246 2.50 1.69 10.99
N SER B 247 1.26 1.47 11.46
CA SER B 247 0.99 1.53 12.89
C SER B 247 1.59 0.34 13.63
N ILE B 248 1.97 -0.73 12.91
CA ILE B 248 2.62 -1.86 13.55
C ILE B 248 3.91 -1.42 14.25
N LEU B 249 4.61 -0.44 13.66
CA LEU B 249 5.94 -0.11 14.17
C LEU B 249 5.89 0.55 15.55
N PRO B 250 5.13 1.64 15.77
CA PRO B 250 5.09 2.20 17.13
C PRO B 250 4.62 1.18 18.14
N TRP B 251 3.69 0.30 17.74
CA TRP B 251 3.25 -0.78 18.61
C TRP B 251 4.42 -1.68 19.01
N LEU B 252 5.30 -2.00 18.06
CA LEU B 252 6.43 -2.86 18.38
C LEU B 252 7.41 -2.18 19.30
N VAL B 253 7.45 -0.84 19.28
CA VAL B 253 8.35 -0.13 20.19
C VAL B 253 7.80 -0.14 21.61
N GLU B 254 6.49 0.04 21.76
CA GLU B 254 5.90 0.07 23.11
C GLU B 254 5.76 -1.32 23.71
N LYS B 255 5.59 -2.36 22.88
CA LYS B 255 5.35 -3.70 23.38
C LYS B 255 6.59 -4.57 23.41
N GLU B 256 7.65 -4.21 22.69
CA GLU B 256 8.87 -5.00 22.68
C GLU B 256 10.14 -4.15 22.75
N GLY B 257 10.01 -2.84 22.99
CA GLY B 257 11.18 -2.00 23.18
C GLY B 257 12.16 -2.01 22.03
N LYS B 258 11.69 -2.25 20.82
CA LYS B 258 12.57 -2.33 19.67
C LYS B 258 13.18 -0.96 19.38
N SER B 259 14.50 -0.91 19.25
CA SER B 259 15.19 0.30 18.85
C SER B 259 14.90 0.62 17.38
N ALA B 260 15.41 1.78 16.94
CA ALA B 260 15.24 2.15 15.53
C ALA B 260 16.00 1.18 14.63
N GLN B 261 17.25 0.89 14.96
CA GLN B 261 18.02 -0.01 14.12
C GLN B 261 17.43 -1.41 14.14
N GLN B 262 16.88 -1.84 15.28
CA GLN B 262 16.22 -3.13 15.32
C GLN B 262 15.01 -3.16 14.39
N LEU B 263 14.24 -2.07 14.37
CA LEU B 263 13.13 -1.96 13.42
C LEU B 263 13.63 -2.05 11.98
N SER B 264 14.74 -1.37 11.69
CA SER B 264 15.32 -1.47 10.36
C SER B 264 15.72 -2.90 10.04
N GLN B 265 16.31 -3.60 11.01
CA GLN B 265 16.70 -4.98 10.75
C GLN B 265 15.50 -5.87 10.57
N LEU B 266 14.42 -5.60 11.28
CA LEU B 266 13.19 -6.36 11.12
C LEU B 266 12.66 -6.26 9.69
N LEU B 267 12.48 -5.02 9.20
CA LEU B 267 11.88 -4.77 7.90
C LEU B 267 12.79 -5.16 6.74
N ASN B 268 14.10 -5.19 6.94
CA ASN B 268 15.06 -5.40 5.85
C ASN B 268 15.71 -6.77 5.85
N ASN B 269 15.93 -7.40 7.01
CA ASN B 269 16.76 -8.59 7.08
C ASN B 269 16.02 -9.86 7.46
N GLU B 270 14.86 -9.77 8.12
CA GLU B 270 14.19 -10.92 8.69
C GLU B 270 12.86 -11.28 8.03
N SER B 271 12.37 -10.45 7.12
CA SER B 271 11.01 -10.59 6.63
C SER B 271 10.95 -11.28 5.28
N GLY B 272 9.97 -10.89 4.47
CA GLY B 272 9.98 -11.37 3.11
C GLY B 272 9.78 -12.88 3.04
N LEU B 273 10.31 -13.48 1.98
CA LEU B 273 10.22 -14.92 1.81
C LEU B 273 10.83 -15.64 2.99
N LEU B 274 11.92 -15.10 3.54
CA LEU B 274 12.60 -15.74 4.65
C LEU B 274 11.72 -15.75 5.90
N GLY B 275 11.14 -14.61 6.26
CA GLY B 275 10.36 -14.54 7.48
C GLY B 275 9.10 -15.40 7.42
N VAL B 276 8.41 -15.38 6.29
CA VAL B 276 7.14 -16.11 6.20
C VAL B 276 7.37 -17.61 6.07
N SER B 277 8.17 -18.04 5.09
CA SER B 277 8.42 -19.47 4.94
C SER B 277 9.21 -20.04 6.11
N GLY B 278 10.01 -19.22 6.78
CA GLY B 278 10.94 -19.73 7.76
C GLY B 278 11.84 -20.82 7.19
N VAL B 279 12.28 -20.64 5.95
CA VAL B 279 13.00 -21.68 5.22
C VAL B 279 14.19 -21.07 4.48
N SER B 280 13.96 -19.99 3.73
CA SER B 280 15.02 -19.39 2.92
C SER B 280 14.50 -18.09 2.31
N SER B 281 15.44 -17.19 2.01
CA SER B 281 15.12 -15.98 1.26
C SER B 281 15.12 -16.22 -0.23
N ASP B 282 15.55 -17.40 -0.66
CA ASP B 282 15.71 -17.71 -2.07
C ASP B 282 14.44 -18.38 -2.56
N TYR B 283 13.85 -17.82 -3.62
CA TYR B 283 12.55 -18.30 -4.09
C TYR B 283 12.59 -19.78 -4.49
N ARG B 284 13.68 -20.25 -5.10
CA ARG B 284 13.76 -21.66 -5.50
C ARG B 284 13.78 -22.58 -4.28
N ASP B 285 14.44 -22.15 -3.20
CA ASP B 285 14.44 -22.94 -1.96
C ASP B 285 13.03 -23.05 -1.40
N VAL B 286 12.36 -21.91 -1.26
CA VAL B 286 11.00 -21.89 -0.71
C VAL B 286 10.09 -22.73 -1.58
N GLU B 287 10.27 -22.65 -2.90
CA GLU B 287 9.53 -23.46 -3.86
C GLU B 287 9.67 -24.96 -3.53
N GLN B 288 10.88 -25.42 -3.27
CA GLN B 288 11.05 -26.86 -3.08
C GLN B 288 10.51 -27.31 -1.72
N ALA B 289 10.67 -26.46 -0.69
CA ALA B 289 10.01 -26.77 0.58
C ALA B 289 8.49 -26.80 0.42
N ALA B 290 7.92 -25.95 -0.45
CA ALA B 290 6.48 -25.98 -0.67
C ALA B 290 6.05 -27.29 -1.35
N ASP B 291 6.73 -27.69 -2.43
CA ASP B 291 6.40 -28.96 -3.10
C ASP B 291 6.45 -30.14 -2.15
N ALA B 292 7.36 -30.11 -1.17
CA ALA B 292 7.48 -31.20 -0.23
C ALA B 292 6.40 -31.18 0.86
N GLY B 293 5.57 -30.14 0.92
CA GLY B 293 4.50 -30.10 1.89
C GLY B 293 4.62 -29.06 2.99
N ASN B 294 5.67 -28.23 2.97
CA ASN B 294 5.76 -27.14 3.95
C ASN B 294 4.70 -26.09 3.68
N GLU B 295 3.90 -25.78 4.68
CA GLU B 295 2.73 -24.93 4.47
C GLU B 295 3.06 -23.44 4.61
N ARG B 296 3.98 -23.07 5.50
CA ARG B 296 4.43 -21.68 5.54
C ARG B 296 5.10 -21.28 4.22
N ALA B 297 5.95 -22.15 3.67
CA ALA B 297 6.61 -21.87 2.39
C ALA B 297 5.59 -21.74 1.27
N ALA B 298 4.51 -22.54 1.31
CA ALA B 298 3.48 -22.43 0.30
C ALA B 298 2.72 -21.12 0.43
N LEU B 299 2.59 -20.62 1.67
CA LEU B 299 1.91 -19.37 1.94
C LEU B 299 2.79 -18.19 1.60
N ALA B 300 4.10 -18.31 1.86
CA ALA B 300 5.04 -17.28 1.42
C ALA B 300 4.96 -17.07 -0.08
N LEU B 301 4.91 -18.16 -0.85
CA LEU B 301 4.85 -17.99 -2.30
C LEU B 301 3.58 -17.27 -2.73
N SER B 302 2.48 -17.51 -2.00
CA SER B 302 1.19 -16.90 -2.36
C SER B 302 1.16 -15.42 -1.99
N LEU B 303 1.65 -15.08 -0.78
CA LEU B 303 1.77 -13.69 -0.37
C LEU B 303 2.61 -12.92 -1.37
N PHE B 304 3.74 -13.51 -1.77
CA PHE B 304 4.61 -12.91 -2.75
C PHE B 304 3.87 -12.57 -4.05
N ALA B 305 3.11 -13.53 -4.62
CA ALA B 305 2.40 -13.19 -5.83
C ALA B 305 1.30 -12.16 -5.58
N GLU B 306 0.58 -12.29 -4.45
CA GLU B 306 -0.48 -11.34 -4.12
C GLU B 306 0.06 -9.91 -4.04
N ARG B 307 1.14 -9.69 -3.29
CA ARG B 307 1.66 -8.33 -3.12
C ARG B 307 2.01 -7.70 -4.47
N ILE B 308 2.60 -8.49 -5.38
CA ILE B 308 2.95 -7.95 -6.69
C ILE B 308 1.69 -7.71 -7.53
N ARG B 309 0.72 -8.63 -7.45
CA ARG B 309 -0.53 -8.46 -8.19
C ARG B 309 -1.24 -7.17 -7.77
N ALA B 310 -1.20 -6.85 -6.48
CA ALA B 310 -1.97 -5.70 -6.02
C ALA B 310 -1.33 -4.42 -6.52
N THR B 311 -0.01 -4.38 -6.54
CA THR B 311 0.71 -3.23 -7.06
C THR B 311 0.47 -3.05 -8.55
N ILE B 312 0.53 -4.14 -9.31
CA ILE B 312 0.21 -4.06 -10.73
C ILE B 312 -1.17 -3.46 -10.93
N GLY B 313 -2.14 -3.94 -10.15
CA GLY B 313 -3.51 -3.43 -10.27
C GLY B 313 -3.59 -1.93 -10.07
N SER B 314 -2.91 -1.42 -9.04
CA SER B 314 -2.84 0.03 -8.82
C SER B 314 -2.35 0.72 -10.08
N TYR B 315 -1.27 0.19 -10.66
CA TYR B 315 -0.62 0.91 -11.75
C TYR B 315 -1.47 0.85 -13.03
N ILE B 316 -2.14 -0.29 -13.27
CA ILE B 316 -3.04 -0.37 -14.41
C ILE B 316 -4.15 0.66 -14.27
N MET B 317 -4.76 0.70 -13.09
CA MET B 317 -5.75 1.71 -12.79
C MET B 317 -5.20 3.10 -13.08
N GLN B 318 -3.98 3.38 -12.61
CA GLN B 318 -3.41 4.70 -12.78
C GLN B 318 -3.18 5.04 -14.25
N MET B 319 -2.85 4.05 -15.09
CA MET B 319 -2.57 4.33 -16.50
C MET B 319 -3.80 4.28 -17.40
N GLY B 320 -4.92 3.79 -16.88
CA GLY B 320 -6.10 3.59 -17.70
C GLY B 320 -6.06 2.36 -18.58
N GLY B 321 -5.15 1.42 -18.32
CA GLY B 321 -5.08 0.23 -19.11
C GLY B 321 -3.69 -0.37 -19.08
N LEU B 322 -3.49 -1.35 -19.96
CA LEU B 322 -2.24 -2.07 -20.02
C LEU B 322 -2.06 -2.58 -21.45
N ASP B 323 -0.84 -2.46 -21.95
CA ASP B 323 -0.46 -3.06 -23.22
C ASP B 323 0.56 -4.16 -23.06
N ALA B 324 1.45 -4.07 -22.08
CA ALA B 324 2.48 -5.08 -21.93
C ALA B 324 2.89 -5.20 -20.47
N LEU B 325 3.22 -6.41 -20.10
CA LEU B 325 3.72 -6.72 -18.76
C LEU B 325 5.06 -7.41 -18.94
N ILE B 326 6.08 -6.89 -18.27
CA ILE B 326 7.44 -7.38 -18.38
C ILE B 326 7.83 -8.06 -17.08
N PHE B 327 8.42 -9.24 -17.18
CA PHE B 327 9.09 -9.88 -16.06
C PHE B 327 10.59 -9.90 -16.30
N THR B 328 11.36 -9.47 -15.29
CA THR B 328 12.80 -9.41 -15.35
C THR B 328 13.35 -9.70 -13.96
N GLY B 329 14.67 -9.80 -13.86
CA GLY B 329 15.33 -10.13 -12.61
C GLY B 329 15.48 -11.63 -12.44
N GLY B 330 16.17 -12.00 -11.35
CA GLY B 330 16.47 -13.40 -11.12
C GLY B 330 15.25 -14.29 -11.05
N ILE B 331 14.25 -13.90 -10.25
CA ILE B 331 12.98 -14.61 -10.21
C ILE B 331 12.19 -14.40 -11.50
N GLY B 332 12.07 -13.15 -11.95
CA GLY B 332 11.23 -12.85 -13.09
C GLY B 332 11.69 -13.45 -14.41
N GLU B 333 12.98 -13.77 -14.53
CA GLU B 333 13.47 -14.36 -15.76
C GLU B 333 13.37 -15.88 -15.77
N ASN B 334 13.30 -16.52 -14.61
CA ASN B 334 13.50 -17.96 -14.53
C ASN B 334 12.35 -18.74 -13.91
N SER B 335 11.41 -18.08 -13.24
CA SER B 335 10.34 -18.74 -12.49
C SER B 335 9.02 -18.66 -13.26
N ALA B 336 8.75 -19.70 -14.05
CA ALA B 336 7.46 -19.84 -14.71
C ALA B 336 6.33 -19.86 -13.69
N ARG B 337 6.60 -20.43 -12.52
CA ARG B 337 5.60 -20.52 -11.47
C ARG B 337 5.26 -19.13 -10.93
N ALA B 338 6.28 -18.27 -10.71
CA ALA B 338 5.98 -16.96 -10.16
C ALA B 338 5.18 -16.13 -11.16
N ARG B 339 5.53 -16.24 -12.43
CA ARG B 339 4.79 -15.53 -13.45
C ARG B 339 3.38 -16.06 -13.58
N ALA B 340 3.22 -17.38 -13.51
CA ALA B 340 1.87 -17.92 -13.64
C ALA B 340 1.00 -17.51 -12.45
N ALA B 341 1.54 -17.65 -11.24
CA ALA B 341 0.79 -17.24 -10.05
C ALA B 341 0.42 -15.74 -10.13
N ILE B 342 1.30 -14.90 -10.67
CA ILE B 342 1.01 -13.48 -10.82
C ILE B 342 -0.02 -13.21 -11.91
N CYS B 343 -0.10 -14.06 -12.93
CA CYS B 343 -0.90 -13.76 -14.10
C CYS B 343 -2.27 -14.43 -14.10
N ARG B 344 -2.68 -15.08 -13.01
CA ARG B 344 -3.90 -15.87 -13.09
C ARG B 344 -5.14 -14.97 -13.04
N ASN B 345 -6.15 -15.36 -13.82
CA ASN B 345 -7.48 -14.79 -13.84
C ASN B 345 -7.46 -13.27 -14.04
N LEU B 346 -6.86 -12.86 -15.16
CA LEU B 346 -6.77 -11.47 -15.59
C LEU B 346 -7.44 -11.28 -16.94
N HIS B 347 -8.39 -12.15 -17.25
CA HIS B 347 -9.15 -12.02 -18.49
C HIS B 347 -9.84 -10.67 -18.62
N PHE B 348 -10.19 -10.01 -17.50
CA PHE B 348 -10.82 -8.70 -17.64
C PHE B 348 -9.87 -7.68 -18.29
N LEU B 349 -8.57 -7.98 -18.31
CA LEU B 349 -7.57 -7.17 -19.01
C LEU B 349 -7.18 -7.74 -20.36
N GLY B 350 -7.70 -8.91 -20.75
CA GLY B 350 -7.16 -9.59 -21.91
C GLY B 350 -5.76 -10.09 -21.72
N LEU B 351 -5.40 -10.45 -20.50
CA LEU B 351 -4.08 -10.98 -20.17
C LEU B 351 -4.21 -12.45 -19.73
N ALA B 352 -3.50 -13.34 -20.42
CA ALA B 352 -3.39 -14.74 -20.03
C ALA B 352 -2.10 -15.29 -20.61
N LEU B 353 -1.58 -16.32 -19.95
CA LEU B 353 -0.32 -16.95 -20.37
C LEU B 353 -0.57 -18.17 -21.26
N ASP B 354 0.40 -18.41 -22.14
CA ASP B 354 0.52 -19.66 -22.87
C ASP B 354 1.45 -20.59 -22.09
N ASP B 355 0.91 -21.72 -21.60
CA ASP B 355 1.67 -22.58 -20.70
C ASP B 355 3.00 -23.01 -21.31
N GLU B 356 2.99 -23.39 -22.59
CA GLU B 356 4.22 -23.89 -23.20
C GLU B 356 5.27 -22.79 -23.36
N LYS B 357 4.84 -21.57 -23.72
CA LYS B 357 5.82 -20.49 -23.84
C LYS B 357 6.38 -20.12 -22.48
N ASN B 358 5.53 -20.12 -21.45
CA ASN B 358 5.98 -19.76 -20.10
C ASN B 358 6.93 -20.81 -19.55
N GLN B 359 6.69 -22.10 -19.85
CA GLN B 359 7.51 -23.16 -19.29
C GLN B 359 8.96 -23.03 -19.73
N ARG B 360 9.21 -22.62 -20.97
CA ARG B 360 10.59 -22.40 -21.43
C ARG B 360 11.04 -20.94 -21.34
N SER B 361 10.29 -20.06 -20.67
CA SER B 361 10.66 -18.64 -20.54
C SER B 361 11.00 -18.00 -21.88
N ALA B 362 10.16 -18.23 -22.88
CA ALA B 362 10.25 -17.49 -24.14
C ALA B 362 10.22 -15.99 -23.87
N THR B 363 10.71 -15.18 -24.80
CA THR B 363 10.70 -13.75 -24.50
C THR B 363 9.26 -13.22 -24.46
N PHE B 364 8.32 -13.84 -25.17
CA PHE B 364 6.89 -13.52 -25.07
C PHE B 364 6.10 -14.74 -24.64
N ILE B 365 5.32 -14.61 -23.57
CA ILE B 365 4.64 -15.78 -23.03
C ILE B 365 3.13 -15.63 -22.97
N GLN B 366 2.56 -14.56 -23.53
CA GLN B 366 1.10 -14.42 -23.47
C GLN B 366 0.44 -15.42 -24.39
N ALA B 367 -0.79 -15.78 -24.05
CA ALA B 367 -1.57 -16.58 -24.97
C ALA B 367 -1.76 -15.81 -26.27
N ASP B 368 -2.07 -16.56 -27.33
CA ASP B 368 -2.18 -16.03 -28.67
C ASP B 368 -3.38 -15.10 -28.83
N ASN B 369 -4.47 -15.40 -28.15
CA ASN B 369 -5.67 -14.58 -28.14
C ASN B 369 -5.53 -13.38 -27.23
N ALA B 370 -4.43 -13.26 -26.49
CA ALA B 370 -4.35 -12.29 -25.42
C ALA B 370 -4.08 -10.89 -25.96
N LEU B 371 -4.76 -9.91 -25.40
CA LEU B 371 -4.55 -8.53 -25.80
C LEU B 371 -3.24 -7.96 -25.25
N VAL B 372 -2.81 -8.41 -24.08
CA VAL B 372 -1.64 -7.86 -23.41
C VAL B 372 -0.43 -8.68 -23.78
N LYS B 373 0.63 -8.02 -24.22
CA LYS B 373 1.91 -8.69 -24.34
C LYS B 373 2.47 -8.98 -22.96
N VAL B 374 3.00 -10.17 -22.78
CA VAL B 374 3.71 -10.53 -21.56
C VAL B 374 5.09 -11.00 -21.97
N ALA B 375 6.09 -10.39 -21.39
CA ALA B 375 7.44 -10.56 -21.89
C ALA B 375 8.36 -10.93 -20.76
N VAL B 376 9.30 -11.81 -21.07
CA VAL B 376 10.40 -12.15 -20.19
C VAL B 376 11.64 -11.61 -20.86
N ILE B 377 12.25 -10.63 -20.21
CA ILE B 377 13.42 -9.91 -20.72
C ILE B 377 14.52 -9.99 -19.66
N ASN B 378 15.70 -10.41 -20.07
CA ASN B 378 16.81 -10.48 -19.15
C ASN B 378 17.36 -9.07 -18.93
N THR B 379 17.39 -8.64 -17.68
CA THR B 379 17.92 -7.32 -17.40
C THR B 379 19.42 -7.32 -17.69
N ASN B 380 19.92 -6.13 -18.05
CA ASN B 380 21.29 -5.93 -18.48
C ASN B 380 21.66 -4.48 -18.13
N GLU B 381 21.83 -4.23 -16.83
CA GLU B 381 22.10 -2.88 -16.35
C GLU B 381 23.40 -2.34 -16.94
N GLU B 382 24.40 -3.22 -17.11
CA GLU B 382 25.68 -2.75 -17.62
C GLU B 382 25.58 -2.27 -19.05
N LEU B 383 24.77 -2.94 -19.89
CA LEU B 383 24.56 -2.44 -21.25
C LEU B 383 23.79 -1.13 -21.24
N MET B 384 22.85 -0.98 -20.31
CA MET B 384 22.17 0.30 -20.19
C MET B 384 23.13 1.37 -19.71
N ILE B 385 24.05 1.02 -18.81
CA ILE B 385 25.03 2.00 -18.36
C ILE B 385 25.98 2.36 -19.49
N ALA B 386 26.48 1.34 -20.21
CA ALA B 386 27.36 1.60 -21.34
C ALA B 386 26.69 2.53 -22.35
N ARG B 387 25.37 2.42 -22.52
CA ARG B 387 24.68 3.28 -23.48
C ARG B 387 24.63 4.72 -23.00
N ASP B 388 24.44 4.94 -21.69
CA ASP B 388 24.50 6.29 -21.13
C ASP B 388 25.91 6.88 -21.22
N VAL B 389 26.95 6.05 -21.20
CA VAL B 389 28.29 6.58 -21.39
C VAL B 389 28.47 7.04 -22.83
N MET B 390 27.99 6.26 -23.78
CA MET B 390 28.03 6.65 -25.18
C MET B 390 27.28 7.96 -25.41
N ARG B 391 26.07 8.09 -24.85
CA ARG B 391 25.29 9.31 -25.06
C ARG B 391 25.94 10.52 -24.39
N LEU B 392 26.50 10.35 -23.19
CA LEU B 392 26.93 11.50 -22.41
C LEU B 392 28.42 11.81 -22.50
N ALA B 393 29.24 10.86 -22.93
CA ALA B 393 30.68 11.08 -23.01
C ALA B 393 31.23 11.00 -24.43
N LEU B 394 30.50 10.38 -25.35
CA LEU B 394 30.94 10.21 -26.74
C LEU B 394 29.77 10.52 -27.66
N PRO B 395 29.34 11.78 -27.72
CA PRO B 395 28.12 12.11 -28.48
C PRO B 395 28.25 12.03 -30.00
N GLN B 396 29.40 11.62 -30.55
CA GLN B 396 29.54 11.49 -32.00
C GLN B 396 28.76 10.29 -32.56
#